data_4RNW
#
_entry.id   4RNW
#
_cell.length_a   64.247
_cell.length_b   73.002
_cell.length_c   84.742
_cell.angle_alpha   90.00
_cell.angle_beta   101.27
_cell.angle_gamma   90.00
#
_symmetry.space_group_name_H-M   'P 1 21 1'
#
loop_
_entity.id
_entity.type
_entity.pdbx_description
1 polymer 'NADPH dehydrogenase 1'
2 non-polymer 'FLAVIN MONONUCLEOTIDE'
3 non-polymer '4-(2-HYDROXYETHYL)-1-PIPERAZINE ETHANESULFONIC ACID'
4 non-polymer 1,2-ETHANEDIOL
5 water water
#
_entity_poly.entity_id   1
_entity_poly.type   'polypeptide(L)'
_entity_poly.pdbx_seq_one_letter_code
;MGGSNDFVYSIWKGPVIRAGNFALHPEVVREEVKDKRTLIGYGRFFISNPDLVDRLEKGLPLNKYDRDTFYQMSAHGYID
YPTYEEALKLGWGTSSFVKDFKPQALGDTNLFKPIKIGNNELLHRAVIPPLTRMRALHPGNIPNRDWAVEYYTQRAQRPG
TMIITEGAFISPQAGGYDNAPGVWSEEQMVEWTKIFNAIHEKKSFVWVQLWVLGWAAFPDNLARDGLRYDSASDNVFMDA
EQEAKAKKANNPQHSLTKDEIKQYIKEYVQAAKNSIAAGADGVEIHSANGYLLNQFLDPHSNTRTDEYGGSIENRARFTL
EVVDALVEAIGHEKVGLRLSPYGVFNSMSGGAETGIVAQYAYVAGELEKRAKAGKRLAFVHLVEPR
;
_entity_poly.pdbx_strand_id   A,B
#
loop_
_chem_comp.id
_chem_comp.type
_chem_comp.name
_chem_comp.formula
EDO non-polymer 1,2-ETHANEDIOL 'C2 H6 O2'
EPE non-polymer '4-(2-HYDROXYETHYL)-1-PIPERAZINE ETHANESULFONIC ACID' 'C8 H18 N2 O4 S'
FMN non-polymer 'FLAVIN MONONUCLEOTIDE' 'C17 H21 N4 O9 P'
#
# COMPACT_ATOMS: atom_id res chain seq x y z
N GLY A 2 -7.37 3.84 8.84
CA GLY A 2 -7.39 5.20 8.34
C GLY A 2 -6.25 5.41 7.37
N GLY A 3 -6.52 6.16 6.31
CA GLY A 3 -5.66 6.13 5.16
C GLY A 3 -6.43 6.22 3.85
N SER A 4 -5.75 5.84 2.78
CA SER A 4 -6.14 6.16 1.41
C SER A 4 -6.08 4.88 0.62
N ASN A 5 -6.94 4.77 -0.39
CA ASN A 5 -6.87 3.67 -1.35
C ASN A 5 -5.82 3.89 -2.44
N ASP A 6 -5.08 5.00 -2.36
CA ASP A 6 -4.16 5.34 -3.45
C ASP A 6 -3.12 4.26 -3.69
N PHE A 7 -2.76 3.52 -2.64
CA PHE A 7 -1.81 2.42 -2.78
C PHE A 7 -2.15 1.46 -3.93
N VAL A 8 -3.44 1.26 -4.17
CA VAL A 8 -3.82 0.34 -5.21
C VAL A 8 -3.29 0.74 -6.58
N TYR A 9 -3.23 2.04 -6.84
CA TYR A 9 -2.78 2.56 -8.14
C TYR A 9 -1.29 2.30 -8.35
N SER A 10 -0.55 2.08 -7.27
CA SER A 10 0.90 1.77 -7.42
C SER A 10 1.12 0.32 -7.81
N ILE A 11 0.09 -0.50 -7.67
CA ILE A 11 0.19 -1.95 -7.86
C ILE A 11 -0.59 -2.38 -9.11
N TRP A 12 -1.91 -2.17 -9.08
CA TRP A 12 -2.78 -2.55 -10.20
C TRP A 12 -2.77 -1.46 -11.24
N LYS A 13 -2.59 -1.85 -12.51
CA LYS A 13 -2.42 -0.86 -13.57
CA LYS A 13 -2.42 -0.86 -13.57
C LYS A 13 -3.59 -0.83 -14.55
N GLY A 14 -4.68 -1.50 -14.19
CA GLY A 14 -5.86 -1.49 -15.04
C GLY A 14 -6.89 -0.47 -14.59
N PRO A 15 -8.10 -0.56 -15.16
CA PRO A 15 -9.16 0.38 -14.74
C PRO A 15 -9.52 0.26 -13.25
N VAL A 16 -9.81 1.37 -12.61
CA VAL A 16 -10.21 1.34 -11.22
C VAL A 16 -11.48 2.15 -11.13
N ILE A 17 -12.54 1.57 -10.60
CA ILE A 17 -13.76 2.34 -10.33
C ILE A 17 -13.72 2.74 -8.87
N ARG A 18 -13.92 4.02 -8.59
CA ARG A 18 -13.94 4.47 -7.19
C ARG A 18 -15.35 4.93 -6.84
N ALA A 19 -15.84 4.53 -5.67
CA ALA A 19 -17.17 4.94 -5.24
C ALA A 19 -17.21 5.39 -3.78
N GLY A 20 -17.91 6.50 -3.54
CA GLY A 20 -18.11 6.99 -2.20
C GLY A 20 -18.08 8.50 -2.13
N ASN A 21 -19.24 9.10 -1.91
CA ASN A 21 -19.35 10.54 -1.66
C ASN A 21 -18.77 11.43 -2.76
N PHE A 22 -18.95 11.02 -4.02
CA PHE A 22 -18.46 11.82 -5.14
C PHE A 22 -19.48 12.78 -5.75
N ALA A 23 -20.78 12.53 -5.57
CA ALA A 23 -21.75 13.34 -6.28
C ALA A 23 -21.73 14.80 -5.83
N LEU A 24 -21.55 15.01 -4.52
CA LEU A 24 -21.54 16.38 -4.00
C LEU A 24 -20.14 16.97 -3.98
N HIS A 25 -19.17 16.27 -4.58
CA HIS A 25 -17.79 16.75 -4.64
C HIS A 25 -17.18 16.74 -6.03
N PRO A 26 -17.74 17.52 -6.95
CA PRO A 26 -17.21 17.57 -8.30
C PRO A 26 -15.76 18.05 -8.32
N GLU A 27 -15.38 18.85 -7.33
CA GLU A 27 -14.02 19.35 -7.27
C GLU A 27 -13.04 18.19 -7.01
N VAL A 28 -13.50 17.17 -6.30
CA VAL A 28 -12.69 15.98 -6.06
C VAL A 28 -12.65 15.12 -7.33
N VAL A 29 -13.83 14.89 -7.90
CA VAL A 29 -13.90 14.16 -9.15
C VAL A 29 -13.04 14.76 -10.27
N ARG A 30 -13.08 16.08 -10.43
CA ARG A 30 -12.27 16.75 -11.45
C ARG A 30 -10.79 16.38 -11.32
N GLU A 31 -10.32 16.28 -10.08
CA GLU A 31 -8.93 15.89 -9.86
C GLU A 31 -8.71 14.39 -10.10
N GLU A 32 -9.63 13.56 -9.60
CA GLU A 32 -9.47 12.12 -9.71
C GLU A 32 -9.46 11.61 -11.16
N VAL A 33 -10.29 12.19 -12.03
CA VAL A 33 -10.40 11.68 -13.38
C VAL A 33 -9.27 12.14 -14.30
N LYS A 34 -8.37 12.98 -13.79
CA LYS A 34 -7.13 13.29 -14.49
C LYS A 34 -6.32 12.01 -14.71
N ASP A 35 -6.47 11.05 -13.81
CA ASP A 35 -5.92 9.73 -14.01
C ASP A 35 -6.76 9.03 -15.08
N LYS A 36 -6.11 8.69 -16.21
CA LYS A 36 -6.76 8.14 -17.42
C LYS A 36 -7.49 6.79 -17.25
N ARG A 37 -7.27 6.08 -16.14
CA ARG A 37 -7.95 4.82 -15.91
C ARG A 37 -8.87 4.81 -14.69
N THR A 38 -9.29 5.99 -14.26
CA THR A 38 -10.19 6.10 -13.10
C THR A 38 -11.64 6.33 -13.55
N LEU A 39 -12.56 5.54 -13.00
CA LEU A 39 -13.99 5.75 -13.23
C LEU A 39 -14.61 6.06 -11.89
N ILE A 40 -15.78 6.70 -11.88
CA ILE A 40 -16.41 7.14 -10.64
C ILE A 40 -17.77 6.52 -10.50
N GLY A 41 -18.00 5.79 -9.40
CA GLY A 41 -19.32 5.25 -9.13
C GLY A 41 -20.12 6.21 -8.27
N TYR A 42 -21.39 6.43 -8.61
CA TYR A 42 -22.27 7.29 -7.86
C TYR A 42 -23.49 6.48 -7.41
N GLY A 43 -23.66 6.28 -6.12
CA GLY A 43 -24.69 5.40 -5.59
C GLY A 43 -25.99 6.09 -5.24
N ARG A 44 -26.02 6.73 -4.08
CA ARG A 44 -27.23 7.38 -3.60
C ARG A 44 -27.81 8.34 -4.62
N PHE A 45 -26.98 9.07 -5.34
CA PHE A 45 -27.52 10.03 -6.28
C PHE A 45 -27.94 9.43 -7.63
N PHE A 46 -27.51 8.20 -7.95
CA PHE A 46 -28.15 7.50 -9.08
C PHE A 46 -29.50 6.91 -8.67
N ILE A 47 -29.67 6.57 -7.39
CA ILE A 47 -30.98 6.18 -6.87
C ILE A 47 -31.92 7.34 -7.15
N SER A 48 -31.51 8.56 -6.81
CA SER A 48 -32.46 9.67 -6.87
C SER A 48 -32.49 10.44 -8.17
N ASN A 49 -31.53 10.20 -9.05
CA ASN A 49 -31.45 10.93 -10.31
C ASN A 49 -31.28 9.96 -11.47
N PRO A 50 -32.38 9.59 -12.16
CA PRO A 50 -32.22 8.67 -13.27
C PRO A 50 -31.37 9.26 -14.41
N ASP A 51 -31.35 10.58 -14.55
CA ASP A 51 -30.55 11.25 -15.54
C ASP A 51 -29.32 11.88 -14.90
N LEU A 52 -28.71 11.18 -13.95
CA LEU A 52 -27.56 11.75 -13.25
C LEU A 52 -26.46 12.14 -14.23
N VAL A 53 -26.23 11.32 -15.24
CA VAL A 53 -25.11 11.60 -16.14
C VAL A 53 -25.29 12.96 -16.84
N ASP A 54 -26.50 13.25 -17.34
CA ASP A 54 -26.75 14.56 -17.94
C ASP A 54 -26.48 15.67 -16.93
N ARG A 55 -26.89 15.46 -15.67
CA ARG A 55 -26.76 16.52 -14.67
C ARG A 55 -25.30 16.76 -14.33
N LEU A 56 -24.51 15.70 -14.29
CA LEU A 56 -23.06 15.83 -14.09
C LEU A 56 -22.36 16.54 -15.24
N GLU A 57 -22.77 16.25 -16.47
CA GLU A 57 -22.16 16.83 -17.66
C GLU A 57 -22.39 18.33 -17.69
N LYS A 58 -23.61 18.72 -17.36
CA LYS A 58 -24.04 20.10 -17.55
C LYS A 58 -23.99 20.93 -16.28
N GLY A 59 -23.69 20.30 -15.15
CA GLY A 59 -23.69 21.01 -13.88
C GLY A 59 -25.07 21.46 -13.42
N LEU A 60 -26.02 20.52 -13.43
CA LEU A 60 -27.39 20.77 -13.02
C LEU A 60 -27.59 20.44 -11.53
N PRO A 61 -28.60 21.05 -10.90
CA PRO A 61 -28.98 20.71 -9.53
C PRO A 61 -29.38 19.23 -9.44
N LEU A 62 -29.25 18.64 -8.25
CA LEU A 62 -29.51 17.21 -8.08
C LEU A 62 -30.74 16.96 -7.21
N ASN A 63 -31.53 15.95 -7.58
CA ASN A 63 -32.65 15.50 -6.73
C ASN A 63 -32.12 14.96 -5.41
N LYS A 64 -32.72 15.38 -4.29
CA LYS A 64 -32.43 14.77 -2.99
C LYS A 64 -32.82 13.30 -3.03
N TYR A 65 -32.12 12.46 -2.26
CA TYR A 65 -32.57 11.08 -2.10
C TYR A 65 -33.35 10.89 -0.80
N ASP A 66 -34.28 9.95 -0.83
CA ASP A 66 -35.08 9.58 0.34
C ASP A 66 -34.64 8.22 0.89
N ARG A 67 -33.80 8.25 1.92
CA ARG A 67 -33.27 7.00 2.46
C ARG A 67 -34.37 6.07 2.99
N ASP A 68 -35.52 6.62 3.37
CA ASP A 68 -36.57 5.79 3.93
C ASP A 68 -37.15 4.79 2.92
N THR A 69 -36.99 5.07 1.63
CA THR A 69 -37.47 4.15 0.58
C THR A 69 -36.35 3.39 -0.14
N PHE A 70 -35.14 3.41 0.43
CA PHE A 70 -34.05 2.65 -0.16
C PHE A 70 -34.42 1.18 -0.25
N TYR A 71 -35.04 0.65 0.81
CA TYR A 71 -35.34 -0.80 0.89
C TYR A 71 -36.79 -1.20 1.04
N GLN A 72 -37.68 -0.23 0.84
CA GLN A 72 -39.12 -0.45 0.97
C GLN A 72 -39.69 -1.17 -0.25
N MET A 73 -40.66 -2.06 -0.02
CA MET A 73 -41.30 -2.74 -1.16
C MET A 73 -42.34 -1.86 -1.83
N SER A 74 -41.87 -0.87 -2.59
CA SER A 74 -42.72 0.11 -3.25
C SER A 74 -42.11 0.68 -4.54
N ALA A 75 -42.98 1.11 -5.45
CA ALA A 75 -42.55 1.90 -6.60
C ALA A 75 -42.06 3.27 -6.16
N HIS A 76 -42.71 3.82 -5.14
CA HIS A 76 -42.28 5.09 -4.59
C HIS A 76 -40.86 4.98 -4.05
N GLY A 77 -40.03 5.91 -4.47
CA GLY A 77 -38.65 5.96 -4.06
C GLY A 77 -37.82 5.00 -4.88
N TYR A 78 -38.41 4.43 -5.93
CA TYR A 78 -37.71 3.48 -6.80
C TYR A 78 -37.76 3.94 -8.25
N ILE A 79 -38.97 4.06 -8.78
CA ILE A 79 -39.19 4.47 -10.16
C ILE A 79 -39.88 5.82 -10.36
N ASP A 80 -40.07 6.58 -9.28
CA ASP A 80 -40.73 7.87 -9.43
C ASP A 80 -39.89 9.10 -9.09
N TYR A 81 -38.56 8.98 -9.09
CA TYR A 81 -37.75 10.18 -9.08
C TYR A 81 -37.67 10.73 -10.51
N PRO A 82 -37.81 12.05 -10.65
CA PRO A 82 -37.89 12.68 -11.98
C PRO A 82 -36.55 13.01 -12.62
N THR A 83 -36.54 13.09 -13.95
CA THR A 83 -35.41 13.68 -14.67
C THR A 83 -35.48 15.18 -14.42
N TYR A 84 -34.41 15.89 -14.78
CA TYR A 84 -34.37 17.34 -14.51
C TYR A 84 -35.51 18.09 -15.21
N GLU A 85 -35.75 17.79 -16.48
CA GLU A 85 -36.80 18.48 -17.21
C GLU A 85 -38.19 18.14 -16.67
N GLU A 86 -38.35 16.88 -16.25
CA GLU A 86 -39.57 16.47 -15.55
C GLU A 86 -39.72 17.20 -14.23
N ALA A 87 -38.63 17.36 -13.49
CA ALA A 87 -38.69 18.01 -12.19
C ALA A 87 -39.07 19.48 -12.35
N LEU A 88 -38.54 20.13 -13.38
CA LEU A 88 -38.90 21.53 -13.63
C LEU A 88 -40.40 21.66 -13.92
N LYS A 89 -40.96 20.70 -14.65
CA LYS A 89 -42.40 20.72 -14.93
C LYS A 89 -43.21 20.60 -13.64
N LEU A 90 -42.68 19.85 -12.68
CA LEU A 90 -43.33 19.67 -11.38
C LEU A 90 -43.10 20.86 -10.43
N GLY A 91 -42.42 21.88 -10.93
CA GLY A 91 -42.14 23.06 -10.13
C GLY A 91 -41.05 22.87 -9.09
N TRP A 92 -40.15 21.92 -9.32
CA TRP A 92 -39.13 21.59 -8.33
C TRP A 92 -38.03 22.63 -8.24
N GLY A 93 -37.85 23.39 -9.31
CA GLY A 93 -36.74 24.32 -9.41
C GLY A 93 -36.59 25.25 -8.22
N SER A 96 -37.55 20.63 -3.25
CA SER A 96 -36.60 21.12 -4.25
C SER A 96 -35.35 20.24 -4.35
N PHE A 97 -34.24 20.83 -4.81
CA PHE A 97 -33.03 20.07 -5.06
C PHE A 97 -32.10 20.11 -3.86
N VAL A 98 -30.96 19.42 -3.95
CA VAL A 98 -30.00 19.38 -2.84
C VAL A 98 -29.56 20.79 -2.44
N LYS A 99 -29.57 21.08 -1.14
CA LYS A 99 -29.30 22.42 -0.64
C LYS A 99 -27.82 22.80 -0.63
N ASP A 100 -27.52 24.04 -1.02
CA ASP A 100 -26.16 24.60 -0.94
C ASP A 100 -25.14 23.93 -1.85
N PHE A 101 -25.57 22.89 -2.57
CA PHE A 101 -24.67 22.22 -3.50
C PHE A 101 -24.40 23.16 -4.67
N LYS A 102 -23.13 23.37 -4.96
CA LYS A 102 -22.68 24.15 -6.09
C LYS A 102 -22.24 23.22 -7.20
N PRO A 103 -23.10 22.99 -8.18
CA PRO A 103 -22.77 22.04 -9.24
C PRO A 103 -21.63 22.53 -10.13
N GLN A 104 -20.87 21.59 -10.69
CA GLN A 104 -19.88 21.89 -11.70
C GLN A 104 -20.25 21.15 -12.96
N ALA A 105 -20.20 21.83 -14.10
CA ALA A 105 -20.26 21.10 -15.36
C ALA A 105 -18.97 20.30 -15.53
N LEU A 106 -19.09 18.96 -15.54
CA LEU A 106 -17.94 18.09 -15.67
C LEU A 106 -17.72 17.57 -17.10
N GLY A 107 -18.50 18.11 -18.03
CA GLY A 107 -18.42 17.70 -19.43
C GLY A 107 -17.05 17.87 -20.08
N ASP A 108 -16.23 18.75 -19.53
CA ASP A 108 -14.91 19.07 -20.11
C ASP A 108 -13.80 18.18 -19.57
N THR A 109 -14.15 17.18 -18.79
CA THR A 109 -13.16 16.34 -18.12
C THR A 109 -13.16 14.91 -18.64
N ASN A 110 -12.18 14.10 -18.19
CA ASN A 110 -12.16 12.69 -18.55
C ASN A 110 -13.39 11.89 -18.13
N LEU A 111 -14.21 12.44 -17.23
CA LEU A 111 -15.48 11.78 -16.87
C LEU A 111 -16.34 11.55 -18.10
N PHE A 112 -16.15 12.40 -19.11
CA PHE A 112 -16.92 12.29 -20.35
C PHE A 112 -16.11 11.88 -21.56
N LYS A 113 -14.97 11.25 -21.28
CA LYS A 113 -14.20 10.62 -22.34
C LYS A 113 -14.52 9.13 -22.40
N PRO A 114 -14.60 8.59 -23.61
CA PRO A 114 -14.90 7.17 -23.74
C PRO A 114 -13.79 6.29 -23.18
N ILE A 115 -14.17 5.09 -22.73
CA ILE A 115 -13.19 4.12 -22.21
C ILE A 115 -13.73 2.72 -22.47
N LYS A 116 -12.84 1.76 -22.76
CA LYS A 116 -13.31 0.39 -22.94
C LYS A 116 -13.13 -0.41 -21.64
N ILE A 117 -14.24 -0.91 -21.10
CA ILE A 117 -14.18 -1.78 -19.94
C ILE A 117 -14.63 -3.18 -20.32
N GLY A 118 -13.75 -4.17 -20.19
CA GLY A 118 -14.05 -5.50 -20.69
C GLY A 118 -14.31 -5.40 -22.19
N ASN A 119 -15.45 -5.93 -22.63
CA ASN A 119 -15.86 -5.88 -24.02
C ASN A 119 -16.68 -4.62 -24.34
N ASN A 120 -16.89 -3.75 -23.35
CA ASN A 120 -17.86 -2.66 -23.49
C ASN A 120 -17.21 -1.33 -23.78
N GLU A 121 -17.68 -0.65 -24.82
CA GLU A 121 -17.25 0.72 -25.07
C GLU A 121 -18.09 1.76 -24.32
N LEU A 122 -17.63 2.14 -23.13
CA LEU A 122 -18.34 3.15 -22.34
C LEU A 122 -18.19 4.49 -23.03
N LEU A 123 -19.23 5.30 -22.99
CA LEU A 123 -19.16 6.63 -23.58
C LEU A 123 -18.83 7.71 -22.55
N HIS A 124 -18.88 7.33 -21.27
CA HIS A 124 -18.48 8.22 -20.19
C HIS A 124 -18.14 7.34 -19.00
N ARG A 125 -17.63 7.96 -17.93
CA ARG A 125 -17.01 7.18 -16.86
C ARG A 125 -17.79 7.25 -15.54
N ALA A 126 -19.05 7.68 -15.61
CA ALA A 126 -19.91 7.70 -14.42
C ALA A 126 -20.63 6.35 -14.39
N VAL A 127 -20.31 5.56 -13.37
CA VAL A 127 -20.77 4.18 -13.28
C VAL A 127 -21.87 4.07 -12.23
N ILE A 128 -22.90 3.26 -12.52
CA ILE A 128 -23.84 2.91 -11.47
C ILE A 128 -23.28 1.75 -10.67
N PRO A 129 -22.93 1.99 -9.41
CA PRO A 129 -22.39 0.90 -8.59
C PRO A 129 -23.54 0.01 -8.14
N PRO A 130 -23.21 -1.17 -7.59
CA PRO A 130 -24.30 -2.05 -7.13
C PRO A 130 -25.11 -1.41 -6.01
N LEU A 131 -26.42 -1.45 -6.14
CA LEU A 131 -27.33 -0.88 -5.13
C LEU A 131 -28.47 -1.83 -4.78
N THR A 132 -28.32 -2.52 -3.66
CA THR A 132 -29.37 -3.38 -3.13
C THR A 132 -30.62 -2.54 -2.84
N ARG A 133 -31.76 -2.93 -3.40
CA ARG A 133 -33.02 -2.18 -3.25
C ARG A 133 -34.12 -2.99 -2.59
N MET A 134 -33.84 -4.26 -2.32
CA MET A 134 -34.75 -5.13 -1.58
C MET A 134 -36.15 -5.26 -2.13
N ARG A 135 -36.28 -5.20 -3.45
CA ARG A 135 -37.59 -5.36 -4.06
C ARG A 135 -37.84 -6.70 -4.74
N ALA A 136 -36.95 -7.65 -4.54
CA ALA A 136 -37.14 -9.00 -5.07
C ALA A 136 -38.28 -9.70 -4.33
N LEU A 137 -38.92 -10.65 -5.01
CA LEU A 137 -40.10 -11.35 -4.49
C LEU A 137 -39.75 -12.59 -3.69
N HIS A 138 -40.49 -12.80 -2.59
CA HIS A 138 -40.37 -13.99 -1.76
C HIS A 138 -41.67 -14.75 -1.88
N PRO A 139 -41.61 -16.07 -2.04
CA PRO A 139 -40.43 -16.94 -2.12
C PRO A 139 -39.75 -16.90 -3.48
N GLY A 140 -38.49 -17.33 -3.51
CA GLY A 140 -37.82 -17.54 -4.77
C GLY A 140 -36.73 -16.53 -5.09
N ASN A 141 -36.65 -15.44 -4.32
CA ASN A 141 -35.66 -14.40 -4.58
C ASN A 141 -35.74 -13.91 -6.05
N ILE A 142 -36.94 -13.56 -6.51
CA ILE A 142 -37.14 -13.27 -7.92
C ILE A 142 -37.09 -11.76 -8.16
N PRO A 143 -36.29 -11.30 -9.16
CA PRO A 143 -36.31 -9.88 -9.49
C PRO A 143 -37.74 -9.35 -9.65
N ASN A 144 -37.98 -8.16 -9.10
CA ASN A 144 -39.33 -7.58 -9.06
C ASN A 144 -39.96 -7.50 -10.45
N ARG A 145 -41.11 -8.17 -10.62
CA ARG A 145 -41.76 -8.24 -11.91
C ARG A 145 -42.55 -6.98 -12.24
N ASP A 146 -42.84 -6.16 -11.23
CA ASP A 146 -43.62 -4.94 -11.43
C ASP A 146 -42.78 -3.74 -11.86
N TRP A 147 -41.58 -3.58 -11.29
CA TRP A 147 -40.87 -2.32 -11.38
C TRP A 147 -39.40 -2.41 -11.78
N ALA A 148 -38.81 -3.59 -11.70
CA ALA A 148 -37.34 -3.68 -11.90
C ALA A 148 -36.86 -3.28 -13.29
N VAL A 149 -37.60 -3.71 -14.34
CA VAL A 149 -37.21 -3.35 -15.68
C VAL A 149 -37.28 -1.84 -15.85
N GLU A 150 -38.30 -1.21 -15.27
CA GLU A 150 -38.45 0.25 -15.41
C GLU A 150 -37.32 0.97 -14.69
N TYR A 151 -36.97 0.47 -13.51
CA TYR A 151 -35.93 1.10 -12.69
C TYR A 151 -34.59 1.14 -13.43
N TYR A 152 -34.22 0.00 -14.00
CA TYR A 152 -32.94 -0.13 -14.68
C TYR A 152 -32.99 0.61 -16.02
N THR A 153 -34.16 0.57 -16.69
CA THR A 153 -34.32 1.27 -17.96
C THR A 153 -34.13 2.78 -17.77
N GLN A 154 -34.77 3.34 -16.74
CA GLN A 154 -34.56 4.75 -16.40
C GLN A 154 -33.10 5.09 -16.21
N ARG A 155 -32.41 4.25 -15.46
CA ARG A 155 -31.02 4.57 -15.15
C ARG A 155 -30.03 4.20 -16.26
N ALA A 156 -30.50 3.47 -17.27
CA ALA A 156 -29.69 3.18 -18.46
C ALA A 156 -29.82 4.27 -19.54
N GLN A 157 -30.55 5.34 -19.23
CA GLN A 157 -31.00 6.27 -20.28
C GLN A 157 -29.93 6.99 -21.08
N ARG A 158 -28.78 7.26 -20.46
CA ARG A 158 -27.64 7.85 -21.17
C ARG A 158 -26.87 6.75 -21.88
N PRO A 159 -26.80 6.80 -23.22
CA PRO A 159 -26.12 5.70 -23.91
C PRO A 159 -24.67 5.52 -23.44
N GLY A 160 -24.25 4.27 -23.34
CA GLY A 160 -22.87 3.99 -22.97
C GLY A 160 -22.58 4.03 -21.48
N THR A 161 -23.62 3.87 -20.66
CA THR A 161 -23.47 3.83 -19.21
C THR A 161 -23.17 2.40 -18.75
N MET A 162 -22.18 2.24 -17.88
CA MET A 162 -21.94 0.96 -17.22
C MET A 162 -22.79 0.87 -15.97
N ILE A 163 -23.64 -0.17 -15.91
CA ILE A 163 -24.47 -0.43 -14.74
C ILE A 163 -24.02 -1.72 -14.08
N ILE A 164 -23.78 -1.68 -12.77
CA ILE A 164 -23.50 -2.88 -12.02
C ILE A 164 -24.78 -3.16 -11.23
N THR A 165 -25.31 -4.38 -11.32
CA THR A 165 -26.56 -4.68 -10.64
C THR A 165 -26.40 -4.71 -9.12
N GLU A 166 -27.52 -4.57 -8.43
CA GLU A 166 -27.60 -4.89 -7.01
C GLU A 166 -27.02 -6.30 -6.79
N GLY A 167 -26.46 -6.54 -5.61
CA GLY A 167 -25.95 -7.86 -5.26
C GLY A 167 -26.98 -8.94 -5.54
N ALA A 168 -26.55 -10.01 -6.17
CA ALA A 168 -27.44 -11.14 -6.49
C ALA A 168 -26.84 -12.45 -5.98
N PHE A 169 -27.65 -13.21 -5.23
CA PHE A 169 -27.21 -14.43 -4.60
C PHE A 169 -26.92 -15.53 -5.61
N ILE A 170 -25.80 -16.23 -5.42
CA ILE A 170 -25.39 -17.24 -6.40
C ILE A 170 -26.04 -18.61 -6.19
N SER A 171 -26.68 -18.79 -5.03
CA SER A 171 -27.37 -20.03 -4.63
C SER A 171 -28.18 -19.76 -3.38
N PRO A 172 -29.12 -20.65 -3.04
CA PRO A 172 -29.83 -20.50 -1.79
C PRO A 172 -28.89 -20.41 -0.56
N GLN A 173 -27.87 -21.25 -0.49
CA GLN A 173 -26.97 -21.25 0.66
C GLN A 173 -26.19 -19.94 0.74
N ALA A 174 -25.99 -19.29 -0.41
CA ALA A 174 -25.27 -17.99 -0.45
C ALA A 174 -26.13 -16.81 0.04
N GLY A 175 -27.44 -17.04 0.20
CA GLY A 175 -28.37 -15.95 0.49
C GLY A 175 -28.74 -15.82 1.94
N GLY A 176 -30.01 -15.46 2.20
CA GLY A 176 -30.47 -15.25 3.55
C GLY A 176 -31.23 -13.95 3.77
N TYR A 177 -31.39 -13.14 2.74
CA TYR A 177 -32.35 -12.03 2.77
C TYR A 177 -33.46 -12.40 1.80
N ASP A 178 -34.72 -12.38 2.26
CA ASP A 178 -35.82 -12.84 1.40
C ASP A 178 -36.09 -11.94 0.18
N ASN A 179 -35.79 -10.66 0.33
CA ASN A 179 -36.16 -9.71 -0.71
C ASN A 179 -35.00 -9.18 -1.55
N ALA A 180 -33.87 -9.88 -1.55
CA ALA A 180 -32.80 -9.66 -2.53
C ALA A 180 -32.84 -10.74 -3.59
N PRO A 181 -32.39 -10.43 -4.79
CA PRO A 181 -32.57 -11.39 -5.88
C PRO A 181 -31.43 -12.40 -5.97
N GLY A 182 -31.72 -13.53 -6.58
CA GLY A 182 -30.69 -14.50 -6.90
C GLY A 182 -30.49 -14.64 -8.40
N VAL A 183 -29.44 -15.38 -8.78
CA VAL A 183 -29.14 -15.70 -10.18
C VAL A 183 -28.83 -17.19 -10.35
N TRP A 184 -29.54 -18.04 -9.62
CA TRP A 184 -29.30 -19.47 -9.73
C TRP A 184 -30.44 -20.24 -10.41
N SER A 185 -31.64 -19.67 -10.42
CA SER A 185 -32.83 -20.43 -10.90
C SER A 185 -33.36 -19.92 -12.21
N GLU A 186 -34.12 -20.77 -12.90
CA GLU A 186 -34.68 -20.33 -14.17
C GLU A 186 -35.72 -19.20 -14.00
N GLU A 187 -36.54 -19.23 -12.96
CA GLU A 187 -37.53 -18.16 -12.77
C GLU A 187 -36.86 -16.82 -12.54
N GLN A 188 -35.70 -16.86 -11.86
CA GLN A 188 -34.91 -15.64 -11.68
C GLN A 188 -34.37 -15.16 -13.01
N MET A 189 -33.76 -16.06 -13.78
CA MET A 189 -33.10 -15.64 -15.01
C MET A 189 -34.08 -15.13 -16.07
N VAL A 190 -35.34 -15.57 -15.99
CA VAL A 190 -36.36 -15.09 -16.90
C VAL A 190 -36.54 -13.59 -16.71
N GLU A 191 -36.53 -13.16 -15.44
CA GLU A 191 -36.65 -11.73 -15.15
C GLU A 191 -35.36 -10.96 -15.41
N TRP A 192 -34.21 -11.54 -15.07
CA TRP A 192 -32.95 -10.87 -15.40
C TRP A 192 -32.79 -10.62 -16.88
N THR A 193 -33.24 -11.58 -17.70
CA THR A 193 -33.12 -11.43 -19.14
C THR A 193 -33.87 -10.18 -19.62
N LYS A 194 -35.05 -9.95 -19.06
CA LYS A 194 -35.82 -8.76 -19.40
C LYS A 194 -35.10 -7.51 -19.02
N ILE A 195 -34.50 -7.52 -17.81
CA ILE A 195 -33.73 -6.38 -17.34
C ILE A 195 -32.53 -6.09 -18.25
N PHE A 196 -31.75 -7.12 -18.57
CA PHE A 196 -30.59 -6.99 -19.44
C PHE A 196 -30.98 -6.54 -20.84
N ASN A 197 -32.09 -7.07 -21.36
CA ASN A 197 -32.57 -6.61 -22.65
C ASN A 197 -32.87 -5.12 -22.67
N ALA A 198 -33.55 -4.63 -21.64
CA ALA A 198 -33.92 -3.21 -21.59
C ALA A 198 -32.69 -2.31 -21.51
N ILE A 199 -31.72 -2.68 -20.68
CA ILE A 199 -30.49 -1.88 -20.57
C ILE A 199 -29.78 -1.79 -21.91
N HIS A 200 -29.74 -2.93 -22.63
CA HIS A 200 -29.12 -2.99 -23.93
C HIS A 200 -29.91 -2.21 -24.97
N GLU A 201 -31.23 -2.24 -24.86
CA GLU A 201 -32.08 -1.47 -25.76
C GLU A 201 -31.84 0.03 -25.56
N LYS A 202 -31.34 0.40 -24.38
CA LYS A 202 -30.97 1.81 -24.14
C LYS A 202 -29.50 2.10 -24.48
N LYS A 203 -28.85 1.12 -25.11
CA LYS A 203 -27.44 1.23 -25.53
CA LYS A 203 -27.45 1.26 -25.53
C LYS A 203 -26.48 1.36 -24.35
N SER A 204 -26.85 0.78 -23.21
CA SER A 204 -25.98 0.77 -22.05
C SER A 204 -25.52 -0.66 -21.74
N PHE A 205 -24.79 -0.84 -20.64
CA PHE A 205 -24.17 -2.14 -20.37
C PHE A 205 -24.45 -2.57 -18.96
N VAL A 206 -24.40 -3.88 -18.72
CA VAL A 206 -24.77 -4.40 -17.41
C VAL A 206 -23.91 -5.56 -16.91
N TRP A 207 -23.45 -5.43 -15.66
CA TRP A 207 -22.59 -6.41 -15.00
C TRP A 207 -23.27 -6.87 -13.75
N VAL A 208 -23.35 -8.18 -13.55
CA VAL A 208 -24.06 -8.71 -12.40
C VAL A 208 -23.12 -8.81 -11.21
N GLN A 209 -23.49 -8.21 -10.08
CA GLN A 209 -22.69 -8.40 -8.87
C GLN A 209 -23.08 -9.73 -8.21
N LEU A 210 -22.10 -10.61 -8.05
CA LEU A 210 -22.31 -11.93 -7.47
C LEU A 210 -22.05 -11.90 -5.97
N TRP A 211 -23.08 -12.26 -5.19
CA TRP A 211 -23.13 -12.01 -3.75
C TRP A 211 -23.24 -13.30 -2.92
N VAL A 212 -22.40 -13.43 -1.89
CA VAL A 212 -22.46 -14.49 -0.90
C VAL A 212 -22.35 -13.84 0.48
N LEU A 213 -23.35 -14.04 1.32
CA LEU A 213 -23.50 -13.29 2.57
C LEU A 213 -22.61 -13.69 3.74
N GLY A 214 -22.34 -14.98 3.90
CA GLY A 214 -21.67 -15.43 5.11
C GLY A 214 -22.35 -14.98 6.39
N TRP A 215 -21.60 -14.40 7.31
CA TRP A 215 -22.17 -14.14 8.62
C TRP A 215 -23.20 -12.99 8.65
N ALA A 216 -23.34 -12.27 7.53
CA ALA A 216 -24.33 -11.21 7.44
C ALA A 216 -25.75 -11.72 7.14
N ALA A 217 -25.86 -13.01 6.80
CA ALA A 217 -27.18 -13.60 6.53
C ALA A 217 -27.98 -13.70 7.82
N PHE A 218 -29.30 -13.82 7.70
CA PHE A 218 -30.17 -14.02 8.85
C PHE A 218 -30.28 -15.52 9.15
N PRO A 219 -29.79 -15.96 10.32
CA PRO A 219 -29.74 -17.39 10.61
C PRO A 219 -31.12 -18.02 10.67
N ASP A 220 -32.15 -17.25 11.02
CA ASP A 220 -33.49 -17.80 11.08
C ASP A 220 -34.07 -18.11 9.72
N ASN A 221 -33.85 -17.21 8.75
CA ASN A 221 -34.26 -17.44 7.37
C ASN A 221 -33.60 -18.70 6.81
N LEU A 222 -32.31 -18.85 7.08
CA LEU A 222 -31.54 -19.98 6.56
C LEU A 222 -32.05 -21.28 7.19
N ALA A 223 -32.38 -21.20 8.47
CA ALA A 223 -32.86 -22.35 9.23
C ALA A 223 -34.20 -22.84 8.67
N ARG A 224 -35.06 -21.88 8.35
CA ARG A 224 -36.36 -22.16 7.72
C ARG A 224 -36.20 -22.90 6.40
N ASP A 225 -35.13 -22.62 5.66
CA ASP A 225 -34.93 -23.18 4.33
C ASP A 225 -33.95 -24.37 4.37
N GLY A 226 -33.58 -24.79 5.56
CA GLY A 226 -32.74 -25.96 5.74
C GLY A 226 -31.30 -25.71 5.36
N LEU A 227 -30.85 -24.48 5.61
CA LEU A 227 -29.51 -24.05 5.18
C LEU A 227 -28.59 -23.73 6.36
N ARG A 228 -27.28 -23.81 6.14
CA ARG A 228 -26.32 -23.52 7.20
C ARG A 228 -26.18 -22.01 7.37
N TYR A 229 -25.60 -21.62 8.50
CA TYR A 229 -25.19 -20.24 8.72
C TYR A 229 -23.66 -20.25 8.65
N ASP A 230 -23.13 -19.66 7.59
CA ASP A 230 -21.73 -19.87 7.17
C ASP A 230 -20.82 -18.69 7.46
N SER A 231 -19.57 -19.00 7.82
CA SER A 231 -18.53 -17.97 7.83
C SER A 231 -17.16 -18.60 7.68
N ALA A 232 -16.11 -17.79 7.84
CA ALA A 232 -14.76 -18.33 7.82
C ALA A 232 -14.48 -19.16 9.06
N SER A 233 -14.95 -18.68 10.21
CA SER A 233 -14.62 -19.24 11.52
C SER A 233 -15.90 -19.59 12.27
N ASP A 234 -15.73 -20.21 13.43
CA ASP A 234 -16.91 -20.51 14.25
C ASP A 234 -16.81 -19.98 15.68
N ASN A 235 -15.82 -19.13 15.93
CA ASN A 235 -15.55 -18.64 17.29
C ASN A 235 -15.53 -17.11 17.39
N VAL A 236 -15.85 -16.44 16.28
CA VAL A 236 -16.03 -14.98 16.27
CA VAL A 236 -16.01 -14.98 16.26
C VAL A 236 -17.27 -14.67 15.46
N PHE A 237 -18.11 -13.77 15.99
CA PHE A 237 -19.46 -13.56 15.44
C PHE A 237 -19.64 -12.11 15.04
N MET A 238 -20.58 -11.83 14.14
CA MET A 238 -20.72 -10.49 13.56
C MET A 238 -21.15 -9.46 14.59
N ASP A 239 -22.18 -9.80 15.35
CA ASP A 239 -22.64 -8.94 16.43
C ASP A 239 -23.58 -9.70 17.35
N ALA A 240 -23.95 -9.08 18.45
CA ALA A 240 -24.85 -9.72 19.41
C ALA A 240 -26.21 -10.12 18.87
N GLU A 241 -26.83 -9.30 18.01
CA GLU A 241 -28.13 -9.69 17.44
C GLU A 241 -27.99 -10.98 16.62
N GLN A 242 -26.93 -11.10 15.84
CA GLN A 242 -26.71 -12.26 14.98
C GLN A 242 -26.43 -13.47 15.81
N GLU A 243 -25.70 -13.26 16.91
CA GLU A 243 -25.40 -14.35 17.83
C GLU A 243 -26.71 -14.87 18.44
N ALA A 244 -27.56 -13.94 18.87
CA ALA A 244 -28.86 -14.28 19.46
C ALA A 244 -29.76 -14.99 18.44
N LYS A 245 -29.81 -14.47 17.22
CA LYS A 245 -30.62 -15.10 16.18
C LYS A 245 -30.17 -16.52 15.92
N ALA A 246 -28.85 -16.73 15.84
CA ALA A 246 -28.32 -18.06 15.54
C ALA A 246 -28.69 -19.03 16.64
N LYS A 247 -28.61 -18.57 17.88
CA LYS A 247 -28.97 -19.41 19.04
C LYS A 247 -30.47 -19.77 19.03
N LYS A 248 -31.33 -18.78 18.80
CA LYS A 248 -32.77 -18.98 18.75
C LYS A 248 -33.23 -19.85 17.57
N ALA A 249 -32.53 -19.76 16.44
CA ALA A 249 -32.87 -20.56 15.26
C ALA A 249 -32.22 -21.94 15.32
N ASN A 250 -31.44 -22.16 16.37
CA ASN A 250 -30.64 -23.35 16.52
C ASN A 250 -29.78 -23.59 15.29
N ASN A 251 -29.18 -22.52 14.78
CA ASN A 251 -28.40 -22.58 13.55
C ASN A 251 -27.08 -21.84 13.79
N PRO A 252 -26.14 -22.49 14.49
CA PRO A 252 -24.86 -21.88 14.88
C PRO A 252 -23.97 -21.54 13.70
N GLN A 253 -23.21 -20.46 13.86
CA GLN A 253 -22.31 -20.10 12.80
C GLN A 253 -21.33 -21.23 12.52
N HIS A 254 -21.15 -21.53 11.24
CA HIS A 254 -20.40 -22.72 10.86
C HIS A 254 -19.13 -22.30 10.10
N SER A 255 -17.98 -22.77 10.56
CA SER A 255 -16.73 -22.57 9.81
C SER A 255 -16.69 -23.49 8.60
N LEU A 256 -16.58 -22.93 7.41
CA LEU A 256 -16.67 -23.71 6.17
C LEU A 256 -15.56 -24.77 6.05
N THR A 257 -15.92 -25.97 5.58
CA THR A 257 -14.89 -26.95 5.24
C THR A 257 -14.33 -26.66 3.85
N LYS A 258 -13.18 -27.25 3.53
CA LYS A 258 -12.62 -27.04 2.20
C LYS A 258 -13.58 -27.49 1.08
N ASP A 259 -14.31 -28.58 1.31
CA ASP A 259 -15.28 -29.04 0.32
C ASP A 259 -16.42 -28.03 0.13
N GLU A 260 -16.82 -27.38 1.21
CA GLU A 260 -17.88 -26.38 1.17
C GLU A 260 -17.43 -25.13 0.44
N ILE A 261 -16.15 -24.78 0.60
CA ILE A 261 -15.57 -23.70 -0.17
C ILE A 261 -15.60 -24.04 -1.65
N LYS A 262 -15.19 -25.26 -1.98
CA LYS A 262 -15.22 -25.74 -3.36
C LYS A 262 -16.61 -25.64 -3.98
N GLN A 263 -17.62 -25.93 -3.18
CA GLN A 263 -19.01 -25.88 -3.64
C GLN A 263 -19.44 -24.45 -3.92
N TYR A 264 -19.03 -23.51 -3.05
CA TYR A 264 -19.28 -22.11 -3.35
C TYR A 264 -18.61 -21.68 -4.65
N ILE A 265 -17.36 -22.10 -4.87
CA ILE A 265 -16.68 -21.78 -6.13
C ILE A 265 -17.47 -22.32 -7.35
N LYS A 266 -17.99 -23.53 -7.20
CA LYS A 266 -18.81 -24.15 -8.24
C LYS A 266 -20.05 -23.30 -8.53
N GLU A 267 -20.68 -22.81 -7.46
CA GLU A 267 -21.83 -21.94 -7.57
C GLU A 267 -21.50 -20.57 -8.14
N TYR A 268 -20.33 -20.02 -7.80
CA TYR A 268 -19.92 -18.77 -8.44
C TYR A 268 -19.81 -18.95 -9.96
N VAL A 269 -19.22 -20.06 -10.38
CA VAL A 269 -19.01 -20.34 -11.80
C VAL A 269 -20.36 -20.49 -12.50
N GLN A 270 -21.25 -21.26 -11.89
CA GLN A 270 -22.58 -21.45 -12.46
C GLN A 270 -23.37 -20.16 -12.53
N ALA A 271 -23.31 -19.34 -11.49
CA ALA A 271 -24.01 -18.05 -11.51
C ALA A 271 -23.48 -17.10 -12.57
N ALA A 272 -22.16 -17.14 -12.79
CA ALA A 272 -21.55 -16.29 -13.79
C ALA A 272 -22.01 -16.76 -15.17
N LYS A 273 -21.99 -18.07 -15.37
CA LYS A 273 -22.45 -18.62 -16.64
C LYS A 273 -23.90 -18.30 -16.89
N ASN A 274 -24.74 -18.38 -15.85
CA ASN A 274 -26.16 -18.04 -15.96
C ASN A 274 -26.31 -16.57 -16.39
N SER A 275 -25.48 -15.71 -15.80
CA SER A 275 -25.57 -14.28 -16.07
C SER A 275 -25.23 -13.96 -17.51
N ILE A 276 -24.11 -14.51 -17.99
CA ILE A 276 -23.69 -14.30 -19.36
C ILE A 276 -24.70 -14.91 -20.34
N ALA A 277 -25.23 -16.08 -20.02
CA ALA A 277 -26.24 -16.72 -20.89
C ALA A 277 -27.51 -15.89 -21.03
N ALA A 278 -27.85 -15.16 -19.96
CA ALA A 278 -29.05 -14.35 -19.93
C ALA A 278 -28.82 -12.99 -20.56
N GLY A 279 -27.57 -12.70 -20.91
CA GLY A 279 -27.26 -11.48 -21.64
C GLY A 279 -26.37 -10.45 -20.94
N ALA A 280 -25.96 -10.72 -19.71
CA ALA A 280 -25.05 -9.79 -19.02
C ALA A 280 -23.73 -9.59 -19.75
N ASP A 281 -23.16 -8.39 -19.61
CA ASP A 281 -21.87 -8.06 -20.21
C ASP A 281 -20.68 -8.59 -19.39
N GLY A 282 -20.91 -8.92 -18.13
CA GLY A 282 -19.85 -9.43 -17.27
C GLY A 282 -20.41 -9.56 -15.86
N VAL A 283 -19.52 -9.90 -14.93
CA VAL A 283 -19.90 -10.06 -13.52
C VAL A 283 -18.87 -9.37 -12.65
N GLU A 284 -19.31 -8.95 -11.48
CA GLU A 284 -18.42 -8.40 -10.46
C GLU A 284 -18.48 -9.29 -9.22
N ILE A 285 -17.33 -9.70 -8.72
CA ILE A 285 -17.29 -10.52 -7.53
C ILE A 285 -17.33 -9.56 -6.33
N HIS A 286 -18.34 -9.72 -5.49
CA HIS A 286 -18.45 -8.92 -4.27
C HIS A 286 -17.52 -9.50 -3.23
N SER A 287 -16.35 -8.88 -3.06
CA SER A 287 -15.42 -9.30 -2.02
C SER A 287 -15.27 -8.18 -0.99
N ALA A 288 -16.32 -7.35 -0.86
CA ALA A 288 -16.29 -6.17 0.03
C ALA A 288 -17.37 -6.21 1.10
N ASN A 289 -17.42 -5.12 1.87
CA ASN A 289 -18.51 -4.79 2.79
C ASN A 289 -18.86 -5.88 3.81
N GLY A 290 -17.87 -6.72 4.11
CA GLY A 290 -18.00 -7.67 5.19
C GLY A 290 -18.83 -8.91 4.91
N TYR A 291 -19.01 -9.25 3.63
CA TYR A 291 -19.71 -10.49 3.23
C TYR A 291 -18.71 -11.63 3.18
N LEU A 292 -19.07 -12.81 2.66
CA LEU A 292 -18.29 -14.00 2.97
C LEU A 292 -16.83 -13.92 2.52
N LEU A 293 -16.59 -13.53 1.26
CA LEU A 293 -15.16 -13.35 0.84
C LEU A 293 -14.38 -12.39 1.72
N ASN A 294 -15.01 -11.27 2.07
CA ASN A 294 -14.35 -10.32 2.98
C ASN A 294 -14.10 -10.95 4.36
N GLN A 295 -15.04 -11.77 4.83
CA GLN A 295 -14.86 -12.45 6.09
C GLN A 295 -13.60 -13.34 6.07
N PHE A 296 -13.23 -13.86 4.91
CA PHE A 296 -11.97 -14.61 4.79
C PHE A 296 -10.77 -13.67 4.71
N LEU A 297 -10.93 -12.54 4.03
CA LEU A 297 -9.78 -11.63 3.88
C LEU A 297 -9.36 -11.04 5.21
N ASP A 298 -10.29 -10.88 6.13
CA ASP A 298 -10.07 -10.05 7.31
C ASP A 298 -9.63 -10.86 8.53
N PRO A 299 -8.52 -10.47 9.18
CA PRO A 299 -8.08 -11.29 10.30
C PRO A 299 -8.99 -11.25 11.53
N HIS A 300 -9.91 -10.30 11.62
CA HIS A 300 -10.82 -10.27 12.75
C HIS A 300 -11.79 -11.45 12.65
N SER A 301 -12.30 -11.65 11.44
CA SER A 301 -13.34 -12.65 11.19
C SER A 301 -12.75 -14.01 10.83
N ASN A 302 -11.49 -14.02 10.39
CA ASN A 302 -10.84 -15.25 9.97
C ASN A 302 -9.76 -15.68 10.96
N THR A 303 -10.11 -16.66 11.81
CA THR A 303 -9.20 -17.23 12.79
C THR A 303 -8.76 -18.64 12.41
N ARG A 304 -8.99 -19.01 11.15
CA ARG A 304 -8.61 -20.34 10.63
C ARG A 304 -7.11 -20.61 10.68
N THR A 305 -6.78 -21.91 10.84
CA THR A 305 -5.40 -22.33 10.89
C THR A 305 -5.08 -23.33 9.78
N ASP A 306 -5.96 -23.43 8.79
CA ASP A 306 -5.70 -24.23 7.59
C ASP A 306 -5.23 -23.34 6.44
N GLU A 307 -5.27 -23.86 5.21
CA GLU A 307 -4.76 -23.12 4.05
C GLU A 307 -5.54 -21.83 3.75
N TYR A 308 -6.67 -21.65 4.42
CA TYR A 308 -7.51 -20.48 4.16
C TYR A 308 -7.48 -19.40 5.23
N GLY A 309 -6.56 -19.51 6.19
CA GLY A 309 -6.35 -18.42 7.13
C GLY A 309 -4.95 -18.44 7.70
N GLY A 310 -4.66 -17.42 8.49
CA GLY A 310 -3.47 -17.41 9.30
C GLY A 310 -2.27 -16.71 8.68
N SER A 311 -2.46 -16.17 7.48
CA SER A 311 -1.44 -15.36 6.81
C SER A 311 -2.12 -14.57 5.72
N ILE A 312 -1.40 -13.59 5.16
CA ILE A 312 -1.94 -12.76 4.10
C ILE A 312 -2.33 -13.59 2.92
N GLU A 313 -1.44 -14.49 2.48
CA GLU A 313 -1.72 -15.31 1.30
C GLU A 313 -2.91 -16.25 1.52
N ASN A 314 -3.00 -16.80 2.72
CA ASN A 314 -4.03 -17.77 3.01
C ASN A 314 -5.39 -17.09 3.08
N ARG A 315 -5.42 -15.92 3.70
CA ARG A 315 -6.69 -15.15 3.81
C ARG A 315 -7.25 -14.70 2.46
N ALA A 316 -6.35 -14.50 1.49
CA ALA A 316 -6.71 -14.05 0.14
C ALA A 316 -7.08 -15.20 -0.77
N ARG A 317 -6.84 -16.43 -0.29
CA ARG A 317 -6.96 -17.61 -1.17
C ARG A 317 -8.37 -17.84 -1.74
N PHE A 318 -9.40 -17.73 -0.92
CA PHE A 318 -10.77 -17.93 -1.41
C PHE A 318 -11.11 -16.89 -2.49
N THR A 319 -10.85 -15.62 -2.21
CA THR A 319 -11.15 -14.56 -3.17
C THR A 319 -10.46 -14.81 -4.51
N LEU A 320 -9.18 -15.15 -4.45
CA LEU A 320 -8.41 -15.37 -5.67
C LEU A 320 -8.81 -16.67 -6.39
N GLU A 321 -9.23 -17.68 -5.63
CA GLU A 321 -9.77 -18.89 -6.26
C GLU A 321 -11.05 -18.62 -7.03
N VAL A 322 -11.90 -17.76 -6.48
CA VAL A 322 -13.10 -17.37 -7.19
C VAL A 322 -12.73 -16.58 -8.44
N VAL A 323 -11.83 -15.61 -8.32
CA VAL A 323 -11.36 -14.87 -9.50
C VAL A 323 -10.89 -15.84 -10.59
N ASP A 324 -10.00 -16.75 -10.23
CA ASP A 324 -9.43 -17.65 -11.23
C ASP A 324 -10.49 -18.57 -11.84
N ALA A 325 -11.44 -19.04 -11.02
CA ALA A 325 -12.48 -19.94 -11.52
C ALA A 325 -13.37 -19.22 -12.51
N LEU A 326 -13.66 -17.94 -12.23
CA LEU A 326 -14.49 -17.15 -13.14
C LEU A 326 -13.75 -16.78 -14.43
N VAL A 327 -12.48 -16.40 -14.28
CA VAL A 327 -11.67 -16.06 -15.44
C VAL A 327 -11.65 -17.24 -16.40
N GLU A 328 -11.49 -18.44 -15.86
CA GLU A 328 -11.44 -19.63 -16.70
C GLU A 328 -12.79 -19.87 -17.39
N ALA A 329 -13.88 -19.67 -16.64
CA ALA A 329 -15.23 -20.05 -17.08
C ALA A 329 -15.80 -19.11 -18.10
N ILE A 330 -15.64 -17.80 -17.86
CA ILE A 330 -16.27 -16.82 -18.75
C ILE A 330 -15.31 -15.84 -19.40
N GLY A 331 -14.06 -15.77 -18.94
CA GLY A 331 -13.08 -14.89 -19.55
C GLY A 331 -12.73 -13.69 -18.69
N HIS A 332 -11.45 -13.31 -18.67
CA HIS A 332 -11.00 -12.22 -17.81
C HIS A 332 -11.67 -10.90 -18.19
N GLU A 333 -12.02 -10.75 -19.46
CA GLU A 333 -12.65 -9.50 -19.90
C GLU A 333 -14.09 -9.33 -19.42
N LYS A 334 -14.63 -10.37 -18.78
CA LYS A 334 -16.00 -10.33 -18.25
C LYS A 334 -16.04 -10.43 -16.72
N VAL A 335 -14.89 -10.20 -16.06
CA VAL A 335 -14.79 -10.32 -14.60
C VAL A 335 -14.18 -9.08 -13.96
N GLY A 336 -14.86 -8.53 -12.95
CA GLY A 336 -14.29 -7.48 -12.09
C GLY A 336 -14.35 -7.91 -10.63
N LEU A 337 -13.66 -7.19 -9.75
CA LEU A 337 -13.60 -7.55 -8.34
C LEU A 337 -13.81 -6.31 -7.48
N ARG A 338 -14.70 -6.41 -6.51
CA ARG A 338 -14.97 -5.28 -5.59
C ARG A 338 -14.39 -5.48 -4.21
N LEU A 339 -13.68 -4.46 -3.74
CA LEU A 339 -12.97 -4.48 -2.46
C LEU A 339 -13.26 -3.21 -1.64
N SER A 340 -13.22 -3.33 -0.31
CA SER A 340 -13.40 -2.17 0.57
C SER A 340 -12.35 -2.21 1.68
N PRO A 341 -11.09 -1.85 1.34
CA PRO A 341 -10.00 -2.01 2.30
C PRO A 341 -10.25 -1.37 3.66
N TYR A 342 -10.89 -0.21 3.72
CA TYR A 342 -11.02 0.47 5.00
C TYR A 342 -12.37 0.29 5.62
N GLY A 343 -13.20 -0.54 5.00
CA GLY A 343 -14.55 -0.74 5.55
C GLY A 343 -14.59 -1.37 6.92
N VAL A 344 -15.52 -0.88 7.74
CA VAL A 344 -15.81 -1.50 9.04
C VAL A 344 -17.22 -2.05 9.13
N PHE A 345 -18.02 -1.83 8.08
CA PHE A 345 -19.39 -2.35 7.99
C PHE A 345 -19.38 -3.88 8.13
N ASN A 346 -20.34 -4.43 8.87
CA ASN A 346 -20.45 -5.88 9.03
C ASN A 346 -19.28 -6.46 9.78
N SER A 347 -18.70 -5.63 10.65
CA SER A 347 -17.66 -6.02 11.60
C SER A 347 -16.32 -6.42 10.95
N MET A 348 -15.97 -5.75 9.86
CA MET A 348 -14.63 -5.85 9.33
C MET A 348 -13.68 -4.92 10.11
N SER A 349 -12.39 -5.08 9.90
CA SER A 349 -11.39 -4.38 10.74
C SER A 349 -11.10 -2.94 10.35
N GLY A 350 -11.02 -2.72 9.04
CA GLY A 350 -10.64 -1.40 8.54
C GLY A 350 -9.23 -1.01 8.99
N GLY A 351 -8.96 0.28 9.02
CA GLY A 351 -7.59 0.75 9.24
C GLY A 351 -7.03 0.50 10.63
N ALA A 352 -7.87 0.19 11.61
CA ALA A 352 -7.35 -0.14 12.93
C ALA A 352 -6.50 -1.40 12.90
N GLU A 353 -6.73 -2.26 11.91
CA GLU A 353 -5.85 -3.41 11.68
C GLU A 353 -4.60 -2.95 10.93
N THR A 354 -3.47 -2.97 11.60
CA THR A 354 -2.23 -2.44 11.01
C THR A 354 -1.81 -3.23 9.77
N GLY A 355 -2.27 -4.46 9.63
CA GLY A 355 -1.93 -5.25 8.46
C GLY A 355 -2.92 -5.15 7.32
N ILE A 356 -3.92 -4.28 7.45
CA ILE A 356 -4.98 -4.22 6.42
C ILE A 356 -4.48 -3.77 5.03
N VAL A 357 -3.60 -2.77 4.95
CA VAL A 357 -3.10 -2.37 3.64
C VAL A 357 -2.31 -3.50 2.97
N ALA A 358 -1.45 -4.18 3.73
CA ALA A 358 -0.72 -5.33 3.19
C ALA A 358 -1.66 -6.40 2.64
N GLN A 359 -2.76 -6.66 3.35
CA GLN A 359 -3.71 -7.69 2.92
C GLN A 359 -4.28 -7.35 1.55
N TYR A 360 -4.67 -6.10 1.37
CA TYR A 360 -5.28 -5.69 0.10
C TYR A 360 -4.26 -5.42 -0.99
N ALA A 361 -3.07 -4.95 -0.60
CA ALA A 361 -1.98 -4.82 -1.56
C ALA A 361 -1.59 -6.17 -2.16
N TYR A 362 -1.67 -7.21 -1.36
CA TYR A 362 -1.39 -8.53 -1.85
C TYR A 362 -2.39 -8.95 -2.91
N VAL A 363 -3.68 -8.73 -2.65
CA VAL A 363 -4.69 -9.07 -3.62
C VAL A 363 -4.48 -8.28 -4.92
N ALA A 364 -4.24 -6.97 -4.81
CA ALA A 364 -3.98 -6.15 -6.00
C ALA A 364 -2.78 -6.65 -6.77
N GLY A 365 -1.75 -7.08 -6.05
CA GLY A 365 -0.53 -7.56 -6.71
C GLY A 365 -0.75 -8.84 -7.47
N GLU A 366 -1.54 -9.73 -6.88
CA GLU A 366 -1.86 -10.98 -7.54
C GLU A 366 -2.70 -10.76 -8.80
N LEU A 367 -3.56 -9.74 -8.76
CA LEU A 367 -4.33 -9.38 -9.96
C LEU A 367 -3.42 -8.81 -11.04
N GLU A 368 -2.44 -7.99 -10.64
CA GLU A 368 -1.54 -7.41 -11.64
C GLU A 368 -0.63 -8.49 -12.22
N LYS A 369 -0.25 -9.47 -11.40
CA LYS A 369 0.58 -10.58 -11.85
C LYS A 369 -0.15 -11.37 -12.93
N ARG A 370 -1.44 -11.61 -12.72
CA ARG A 370 -2.22 -12.33 -13.72
C ARG A 370 -2.39 -11.52 -15.00
N ALA A 371 -2.53 -10.22 -14.85
CA ALA A 371 -2.65 -9.29 -15.97
C ALA A 371 -1.39 -9.28 -16.82
N LYS A 372 -0.22 -9.26 -16.19
CA LYS A 372 1.06 -9.21 -16.91
C LYS A 372 1.28 -10.50 -17.67
N ALA A 373 0.62 -11.56 -17.21
CA ALA A 373 0.70 -12.86 -17.84
C ALA A 373 -0.39 -13.08 -18.91
N GLY A 374 -1.20 -12.05 -19.14
CA GLY A 374 -2.14 -12.05 -20.25
C GLY A 374 -3.60 -12.11 -19.89
N LYS A 375 -3.92 -12.09 -18.61
CA LYS A 375 -5.30 -12.22 -18.14
C LYS A 375 -5.68 -11.13 -17.15
N ARG A 376 -5.86 -9.93 -17.69
CA ARG A 376 -6.17 -8.75 -16.89
C ARG A 376 -7.67 -8.66 -16.64
N LEU A 377 -8.07 -8.59 -15.38
CA LEU A 377 -9.48 -8.39 -15.11
C LEU A 377 -9.97 -7.08 -15.73
N ALA A 378 -11.28 -7.03 -16.00
CA ALA A 378 -11.88 -5.85 -16.59
C ALA A 378 -11.69 -4.62 -15.70
N PHE A 379 -11.75 -4.79 -14.38
CA PHE A 379 -11.60 -3.66 -13.45
C PHE A 379 -11.46 -4.11 -12.01
N VAL A 380 -10.88 -3.24 -11.19
CA VAL A 380 -11.00 -3.30 -9.75
C VAL A 380 -11.94 -2.18 -9.30
N HIS A 381 -12.88 -2.53 -8.42
CA HIS A 381 -13.83 -1.54 -7.95
C HIS A 381 -13.57 -1.31 -6.45
N LEU A 382 -13.26 -0.07 -6.07
CA LEU A 382 -12.93 0.22 -4.67
C LEU A 382 -14.00 1.05 -3.97
N VAL A 383 -14.39 0.62 -2.78
CA VAL A 383 -15.18 1.43 -1.87
C VAL A 383 -14.24 2.42 -1.18
N GLU A 384 -14.54 3.72 -1.30
CA GLU A 384 -13.68 4.75 -0.73
C GLU A 384 -14.10 5.03 0.68
N PRO A 385 -13.14 5.29 1.55
CA PRO A 385 -13.57 5.64 2.92
C PRO A 385 -13.96 7.11 3.01
N ARG A 386 -15.03 7.47 2.31
CA ARG A 386 -15.50 8.84 2.21
C ARG A 386 -16.89 9.01 2.84
N GLY B 2 4.76 -0.11 -9.34
CA GLY B 2 5.61 1.06 -9.55
C GLY B 2 4.79 2.27 -9.19
N GLY B 3 5.42 3.32 -8.66
CA GLY B 3 4.63 4.37 -8.04
C GLY B 3 5.23 5.05 -6.82
N SER B 4 4.51 5.00 -5.70
CA SER B 4 4.70 5.97 -4.62
C SER B 4 4.95 5.30 -3.28
N ASN B 5 5.75 5.94 -2.44
CA ASN B 5 5.87 5.53 -1.03
C ASN B 5 4.72 6.02 -0.14
N ASP B 6 3.73 6.68 -0.72
CA ASP B 6 2.69 7.30 0.10
C ASP B 6 1.93 6.26 0.92
N PHE B 7 1.86 5.04 0.41
CA PHE B 7 1.18 3.95 1.13
C PHE B 7 1.68 3.80 2.57
N VAL B 8 2.98 4.06 2.80
CA VAL B 8 3.52 3.94 4.14
C VAL B 8 2.80 4.83 5.17
N TYR B 9 2.42 6.04 4.76
CA TYR B 9 1.75 6.99 5.64
C TYR B 9 0.34 6.51 6.04
N SER B 10 -0.26 5.61 5.26
CA SER B 10 -1.56 5.05 5.64
C SER B 10 -1.45 4.00 6.74
N ILE B 11 -0.23 3.53 7.00
CA ILE B 11 0.01 2.40 7.88
C ILE B 11 0.79 2.84 9.12
N TRP B 12 2.02 3.30 8.91
CA TRP B 12 2.88 3.82 9.97
C TRP B 12 2.53 5.25 10.29
N LYS B 13 2.38 5.55 11.58
CA LYS B 13 1.88 6.85 12.02
C LYS B 13 2.94 7.67 12.77
N GLY B 14 4.19 7.24 12.72
CA GLY B 14 5.26 7.98 13.37
C GLY B 14 6.06 8.80 12.39
N PRO B 15 7.20 9.32 12.84
CA PRO B 15 8.03 10.12 11.96
C PRO B 15 8.51 9.34 10.74
N VAL B 16 8.55 10.02 9.60
CA VAL B 16 9.06 9.44 8.36
C VAL B 16 10.10 10.37 7.79
N ILE B 17 11.30 9.86 7.54
CA ILE B 17 12.35 10.63 6.86
C ILE B 17 12.26 10.23 5.41
N ARG B 18 12.16 11.19 4.49
CA ARG B 18 12.15 10.84 3.07
C ARG B 18 13.42 11.41 2.44
N ALA B 19 14.08 10.63 1.60
CA ALA B 19 15.31 11.10 0.95
C ALA B 19 15.37 10.76 -0.53
N GLY B 20 15.76 11.72 -1.35
CA GLY B 20 15.94 11.46 -2.77
C GLY B 20 15.55 12.67 -3.60
N ASN B 21 16.55 13.35 -4.16
CA ASN B 21 16.31 14.43 -5.12
C ASN B 21 15.49 15.58 -4.57
N PHE B 22 15.67 15.91 -3.30
CA PHE B 22 14.92 17.01 -2.74
C PHE B 22 15.65 18.37 -2.76
N ALA B 23 16.98 18.37 -2.84
CA ALA B 23 17.72 19.63 -2.71
C ALA B 23 17.37 20.60 -3.83
N LEU B 24 17.24 20.10 -5.05
CA LEU B 24 16.91 20.98 -6.17
C LEU B 24 15.40 21.10 -6.41
N HIS B 25 14.59 20.62 -5.48
CA HIS B 25 13.14 20.74 -5.61
C HIS B 25 12.46 21.27 -4.36
N PRO B 26 12.75 22.53 -3.99
CA PRO B 26 12.13 23.13 -2.81
C PRO B 26 10.61 23.18 -2.92
N GLU B 27 10.08 23.29 -4.14
CA GLU B 27 8.64 23.30 -4.33
C GLU B 27 8.03 21.96 -3.90
N VAL B 28 8.78 20.88 -4.07
CA VAL B 28 8.32 19.57 -3.61
C VAL B 28 8.41 19.47 -2.10
N VAL B 29 9.53 19.92 -1.55
CA VAL B 29 9.72 19.88 -0.10
C VAL B 29 8.66 20.71 0.61
N ARG B 30 8.36 21.88 0.06
CA ARG B 30 7.34 22.76 0.61
C ARG B 30 6.00 22.05 0.80
N GLU B 31 5.63 21.22 -0.18
CA GLU B 31 4.41 20.44 -0.06
C GLU B 31 4.55 19.25 0.90
N GLU B 32 5.69 18.56 0.83
CA GLU B 32 5.89 17.36 1.65
C GLU B 32 5.88 17.67 3.14
N VAL B 33 6.47 18.79 3.54
CA VAL B 33 6.60 19.08 4.96
C VAL B 33 5.33 19.65 5.57
N LYS B 34 4.30 19.85 4.75
CA LYS B 34 2.98 20.17 5.30
C LYS B 34 2.47 19.04 6.19
N ASP B 35 2.97 17.83 5.93
CA ASP B 35 2.71 16.70 6.81
C ASP B 35 3.59 16.85 8.06
N LYS B 36 2.96 16.95 9.24
CA LYS B 36 3.63 17.30 10.49
C LYS B 36 4.69 16.29 10.98
N ARG B 37 4.74 15.10 10.39
CA ARG B 37 5.72 14.09 10.80
C ARG B 37 6.72 13.70 9.71
N THR B 38 6.84 14.55 8.70
CA THR B 38 7.75 14.29 7.59
C THR B 38 9.05 15.08 7.74
N LEU B 39 10.17 14.38 7.57
CA LEU B 39 11.50 15.00 7.64
C LEU B 39 12.15 14.75 6.29
N ILE B 40 13.14 15.56 5.92
CA ILE B 40 13.71 15.44 4.59
C ILE B 40 15.19 15.17 4.68
N GLY B 41 15.63 14.07 4.08
CA GLY B 41 17.06 13.78 4.02
C GLY B 41 17.66 14.34 2.75
N TYR B 42 18.81 15.01 2.86
CA TYR B 42 19.52 15.55 1.73
C TYR B 42 20.92 14.94 1.67
N GLY B 43 21.19 14.16 0.63
CA GLY B 43 22.43 13.41 0.54
C GLY B 43 23.56 14.13 -0.18
N ARG B 44 23.51 14.11 -1.50
CA ARG B 44 24.59 14.66 -2.32
C ARG B 44 24.88 16.12 -1.99
N PHE B 45 23.84 16.89 -1.69
CA PHE B 45 24.07 18.31 -1.38
C PHE B 45 24.49 18.61 0.04
N PHE B 46 24.34 17.66 0.96
CA PHE B 46 25.03 17.78 2.24
C PHE B 46 26.50 17.42 2.09
N ILE B 47 26.83 16.55 1.14
CA ILE B 47 28.24 16.29 0.79
C ILE B 47 28.89 17.59 0.39
N SER B 48 28.22 18.36 -0.46
CA SER B 48 28.85 19.54 -1.05
C SER B 48 28.60 20.85 -0.31
N ASN B 49 27.69 20.83 0.66
CA ASN B 49 27.35 22.04 1.40
C ASN B 49 27.33 21.75 2.89
N PRO B 50 28.44 22.04 3.59
CA PRO B 50 28.44 21.83 5.04
C PRO B 50 27.38 22.70 5.76
N ASP B 51 27.09 23.86 5.20
CA ASP B 51 26.07 24.73 5.75
C ASP B 51 24.76 24.61 4.99
N LEU B 52 24.39 23.39 4.61
CA LEU B 52 23.19 23.23 3.78
C LEU B 52 21.94 23.77 4.47
N VAL B 53 21.83 23.57 5.79
CA VAL B 53 20.62 23.99 6.48
C VAL B 53 20.45 25.50 6.37
N ASP B 54 21.54 26.26 6.58
CA ASP B 54 21.48 27.71 6.42
C ASP B 54 21.00 28.09 5.00
N ARG B 55 21.51 27.39 4.00
CA ARG B 55 21.19 27.72 2.61
C ARG B 55 19.74 27.40 2.28
N LEU B 56 19.22 26.32 2.85
CA LEU B 56 17.80 26.01 2.69
C LEU B 56 16.88 27.02 3.39
N GLU B 57 17.29 27.48 4.57
CA GLU B 57 16.46 28.42 5.33
C GLU B 57 16.36 29.72 4.58
N LYS B 58 17.49 30.17 4.04
CA LYS B 58 17.59 31.52 3.50
C LYS B 58 17.41 31.60 2.00
N GLY B 59 17.36 30.44 1.33
CA GLY B 59 17.18 30.41 -0.11
C GLY B 59 18.43 30.79 -0.87
N LEU B 60 19.56 30.24 -0.44
CA LEU B 60 20.85 30.56 -1.02
C LEU B 60 21.23 29.59 -2.15
N PRO B 61 22.10 30.02 -3.07
CA PRO B 61 22.69 29.14 -4.08
C PRO B 61 23.40 27.95 -3.42
N LEU B 62 23.45 26.81 -4.12
CA LEU B 62 24.11 25.61 -3.56
C LEU B 62 25.42 25.29 -4.27
N ASN B 63 26.42 24.85 -3.50
CA ASN B 63 27.67 24.33 -4.10
C ASN B 63 27.34 23.11 -4.94
N LYS B 64 27.87 23.05 -6.16
CA LYS B 64 27.84 21.81 -6.95
C LYS B 64 28.57 20.70 -6.19
N TYR B 65 28.14 19.46 -6.38
CA TYR B 65 28.92 18.33 -5.84
C TYR B 65 29.82 17.72 -6.90
N ASP B 66 30.92 17.12 -6.45
CA ASP B 66 31.85 16.43 -7.34
C ASP B 66 31.79 14.92 -7.15
N ARG B 67 31.02 14.23 -8.00
CA ARG B 67 30.86 12.77 -7.92
C ARG B 67 32.18 12.00 -7.91
N ASP B 68 33.19 12.52 -8.62
CA ASP B 68 34.47 11.85 -8.68
C ASP B 68 35.21 11.69 -7.34
N THR B 69 34.86 12.51 -6.35
CA THR B 69 35.51 12.39 -5.05
C THR B 69 34.58 11.84 -3.97
N PHE B 70 33.45 11.28 -4.38
CA PHE B 70 32.53 10.70 -3.39
C PHE B 70 33.25 9.61 -2.60
N TYR B 71 34.04 8.78 -3.29
CA TYR B 71 34.67 7.61 -2.66
C TYR B 71 36.20 7.57 -2.71
N GLN B 72 36.80 8.68 -3.10
CA GLN B 72 38.27 8.78 -3.19
C GLN B 72 38.91 8.92 -1.80
N MET B 73 40.09 8.33 -1.61
CA MET B 73 40.78 8.51 -0.32
C MET B 73 41.50 9.85 -0.29
N SER B 74 40.74 10.91 -0.03
CA SER B 74 41.33 12.26 -0.02
C SER B 74 40.53 13.25 0.81
N ALA B 75 41.21 14.28 1.30
CA ALA B 75 40.54 15.35 1.99
C ALA B 75 39.75 16.18 0.95
N HIS B 76 40.32 16.26 -0.24
CA HIS B 76 39.65 16.92 -1.33
C HIS B 76 38.30 16.24 -1.65
N GLY B 77 37.24 17.03 -1.66
CA GLY B 77 35.92 16.50 -1.95
C GLY B 77 35.29 15.94 -0.70
N TYR B 78 35.94 16.19 0.44
CA TYR B 78 35.45 15.64 1.71
C TYR B 78 35.28 16.74 2.73
N ILE B 79 36.40 17.40 3.06
CA ILE B 79 36.40 18.47 4.04
C ILE B 79 36.72 19.85 3.44
N ASP B 80 36.78 19.95 2.11
CA ASP B 80 37.14 21.21 1.51
C ASP B 80 36.05 21.91 0.67
N TYR B 81 34.79 21.51 0.84
CA TYR B 81 33.70 22.29 0.30
C TYR B 81 33.40 23.45 1.25
N PRO B 82 33.17 24.65 0.70
CA PRO B 82 33.03 25.87 1.53
C PRO B 82 31.61 26.19 1.98
N THR B 83 31.49 26.93 3.08
CA THR B 83 30.22 27.53 3.46
C THR B 83 29.92 28.66 2.49
N TYR B 84 28.72 29.23 2.56
CA TYR B 84 28.33 30.25 1.59
C TYR B 84 29.21 31.50 1.68
N GLU B 85 29.40 32.00 2.90
CA GLU B 85 30.23 33.18 3.12
C GLU B 85 31.68 32.94 2.72
N GLU B 86 32.15 31.71 2.99
CA GLU B 86 33.47 31.26 2.59
C GLU B 86 33.59 31.25 1.08
N ALA B 87 32.53 30.82 0.41
CA ALA B 87 32.54 30.64 -1.03
C ALA B 87 32.54 32.00 -1.73
N LEU B 88 31.86 32.98 -1.14
CA LEU B 88 31.81 34.32 -1.69
C LEU B 88 33.17 35.00 -1.61
N LYS B 89 33.87 34.78 -0.49
CA LYS B 89 35.23 35.31 -0.33
C LYS B 89 36.14 34.76 -1.42
N LEU B 90 36.01 33.47 -1.68
CA LEU B 90 36.88 32.76 -2.64
C LEU B 90 36.22 32.54 -4.00
N GLY B 91 36.50 33.43 -4.95
CA GLY B 91 36.00 33.27 -6.29
C GLY B 91 34.58 33.80 -6.46
N SER B 96 31.70 26.59 -9.17
CA SER B 96 30.76 27.52 -8.54
C SER B 96 29.51 26.84 -7.99
N PHE B 97 28.39 27.54 -8.15
CA PHE B 97 27.11 27.09 -7.65
C PHE B 97 26.34 26.37 -8.75
N VAL B 98 25.31 25.64 -8.33
CA VAL B 98 24.51 24.88 -9.28
C VAL B 98 23.82 25.79 -10.30
N LYS B 99 24.01 25.43 -11.57
CA LYS B 99 23.47 26.17 -12.70
C LYS B 99 21.95 26.11 -12.74
N ASP B 100 21.33 27.18 -13.19
CA ASP B 100 19.91 27.21 -13.50
C ASP B 100 19.00 26.85 -12.32
N PHE B 101 19.57 26.77 -11.12
CA PHE B 101 18.81 26.51 -9.92
C PHE B 101 18.24 27.80 -9.34
N LYS B 102 16.93 27.80 -9.11
CA LYS B 102 16.26 28.94 -8.49
C LYS B 102 15.84 28.58 -7.07
N PRO B 103 16.67 28.96 -6.08
CA PRO B 103 16.40 28.58 -4.69
C PRO B 103 15.14 29.22 -4.12
N GLN B 104 14.59 28.59 -3.09
CA GLN B 104 13.49 29.14 -2.31
C GLN B 104 13.91 29.18 -0.86
N ALA B 105 13.57 30.24 -0.14
CA ALA B 105 13.74 30.26 1.31
C ALA B 105 12.66 29.37 1.94
N LEU B 106 13.09 28.31 2.63
CA LEU B 106 12.15 27.38 3.25
C LEU B 106 12.00 27.63 4.75
N GLY B 107 12.60 28.71 5.23
CA GLY B 107 12.55 29.04 6.65
C GLY B 107 11.17 29.24 7.21
N ASP B 108 10.20 29.49 6.34
CA ASP B 108 8.81 29.75 6.74
C ASP B 108 7.98 28.48 6.86
N THR B 109 8.60 27.33 6.66
CA THR B 109 7.88 26.06 6.57
C THR B 109 8.18 25.11 7.72
N ASN B 110 7.45 23.98 7.79
CA ASN B 110 7.71 22.99 8.81
C ASN B 110 9.12 22.41 8.79
N LEU B 111 9.85 22.61 7.70
CA LEU B 111 11.22 22.13 7.62
C LEU B 111 12.05 22.80 8.70
N PHE B 112 11.61 23.98 9.13
CA PHE B 112 12.27 24.69 10.22
C PHE B 112 11.52 24.75 11.56
N LYS B 113 10.55 23.86 11.74
CA LYS B 113 9.94 23.71 13.05
C LYS B 113 10.57 22.52 13.74
N PRO B 114 10.76 22.62 15.06
CA PRO B 114 11.38 21.57 15.87
C PRO B 114 10.53 20.30 15.90
N ILE B 115 11.19 19.16 16.14
CA ILE B 115 10.48 17.89 16.23
C ILE B 115 11.31 16.98 17.12
N LYS B 116 10.66 16.14 17.91
CA LYS B 116 11.42 15.22 18.73
C LYS B 116 11.55 13.88 17.98
N ILE B 117 12.79 13.48 17.73
CA ILE B 117 13.00 12.15 17.16
C ILE B 117 13.76 11.33 18.19
N GLY B 118 13.17 10.22 18.64
CA GLY B 118 13.79 9.45 19.68
C GLY B 118 13.93 10.30 20.93
N ASN B 119 15.13 10.36 21.50
CA ASN B 119 15.40 11.24 22.64
C ASN B 119 15.82 12.64 22.22
N ASN B 120 15.90 12.90 20.92
CA ASN B 120 16.59 14.10 20.45
C ASN B 120 15.63 15.22 20.07
N GLU B 121 15.84 16.40 20.62
CA GLU B 121 15.06 17.54 20.15
C GLU B 121 15.69 18.24 18.96
N LEU B 122 15.20 17.92 17.77
CA LEU B 122 15.70 18.52 16.55
C LEU B 122 15.21 19.96 16.46
N LEU B 123 16.03 20.86 15.93
CA LEU B 123 15.63 22.25 15.76
C LEU B 123 15.09 22.51 14.37
N HIS B 124 15.25 21.53 13.48
CA HIS B 124 14.76 21.62 12.11
C HIS B 124 14.73 20.20 11.53
N ARG B 125 14.15 20.06 10.34
CA ARG B 125 13.82 18.74 9.82
C ARG B 125 14.65 18.36 8.59
N ALA B 126 15.75 19.06 8.36
CA ALA B 126 16.69 18.71 7.30
C ALA B 126 17.69 17.71 7.90
N VAL B 127 17.65 16.46 7.43
CA VAL B 127 18.43 15.37 8.00
C VAL B 127 19.60 15.01 7.08
N ILE B 128 20.76 14.70 7.64
CA ILE B 128 21.84 14.12 6.86
C ILE B 128 21.64 12.62 6.82
N PRO B 129 21.32 12.08 5.64
CA PRO B 129 21.13 10.63 5.52
C PRO B 129 22.49 9.92 5.49
N PRO B 130 22.48 8.59 5.63
CA PRO B 130 23.76 7.88 5.61
C PRO B 130 24.48 8.06 4.28
N LEU B 131 25.76 8.38 4.33
CA LEU B 131 26.55 8.59 3.13
C LEU B 131 27.92 7.91 3.23
N THR B 132 28.02 6.76 2.58
CA THR B 132 29.28 6.04 2.48
C THR B 132 30.29 6.90 1.71
N ARG B 133 31.45 7.13 2.34
CA ARG B 133 32.52 7.96 1.76
C ARG B 133 33.83 7.22 1.53
N MET B 134 33.88 5.97 2.01
CA MET B 134 35.00 5.07 1.70
C MET B 134 36.35 5.61 2.13
N ARG B 135 36.37 6.30 3.26
CA ARG B 135 37.64 6.84 3.74
C ARG B 135 38.17 6.12 4.97
N ALA B 136 37.52 5.03 5.37
CA ALA B 136 38.03 4.25 6.48
C ALA B 136 39.35 3.57 6.12
N LEU B 137 40.15 3.28 7.15
CA LEU B 137 41.49 2.75 6.98
C LEU B 137 41.51 1.22 6.94
N HIS B 138 42.33 0.67 6.03
CA HIS B 138 42.55 -0.77 5.97
C HIS B 138 44.02 -1.03 6.34
N PRO B 139 44.27 -2.09 7.14
CA PRO B 139 43.31 -3.03 7.71
C PRO B 139 42.58 -2.48 8.92
N GLY B 140 41.47 -3.14 9.26
CA GLY B 140 40.78 -2.83 10.49
C GLY B 140 39.46 -2.09 10.32
N ASN B 141 39.16 -1.62 9.11
CA ASN B 141 37.92 -0.84 8.87
C ASN B 141 37.79 0.30 9.87
N ILE B 142 38.85 1.07 10.03
CA ILE B 142 38.85 2.08 11.09
C ILE B 142 38.47 3.43 10.50
N PRO B 143 37.53 4.14 11.15
CA PRO B 143 37.13 5.50 10.74
C PRO B 143 38.36 6.38 10.53
N ASN B 144 38.33 7.18 9.47
CA ASN B 144 39.48 7.98 9.05
C ASN B 144 39.97 8.91 10.16
N ARG B 145 41.24 8.71 10.54
CA ARG B 145 41.83 9.44 11.64
C ARG B 145 42.29 10.85 11.27
N ASP B 146 42.37 11.12 9.97
CA ASP B 146 42.84 12.42 9.49
C ASP B 146 41.70 13.42 9.31
N TRP B 147 40.54 12.94 8.84
CA TRP B 147 39.56 13.89 8.32
C TRP B 147 38.13 13.68 8.79
N ALA B 148 37.84 12.50 9.35
CA ALA B 148 36.43 12.17 9.64
C ALA B 148 35.80 13.08 10.68
N VAL B 149 36.55 13.41 11.73
CA VAL B 149 35.98 14.28 12.75
C VAL B 149 35.66 15.65 12.16
N GLU B 150 36.57 16.13 11.31
CA GLU B 150 36.36 17.45 10.67
C GLU B 150 35.15 17.39 9.75
N TYR B 151 35.00 16.30 9.01
CA TYR B 151 33.89 16.16 8.07
C TYR B 151 32.54 16.27 8.79
N TYR B 152 32.42 15.53 9.87
CA TYR B 152 31.17 15.46 10.61
C TYR B 152 30.97 16.75 11.40
N THR B 153 32.04 17.33 11.93
CA THR B 153 31.89 18.58 12.68
C THR B 153 31.37 19.69 11.75
N GLN B 154 31.90 19.72 10.53
CA GLN B 154 31.44 20.69 9.53
C GLN B 154 29.97 20.55 9.29
N ARG B 155 29.52 19.31 9.11
CA ARG B 155 28.13 19.10 8.77
C ARG B 155 27.16 19.15 9.96
N ALA B 156 27.71 19.20 11.18
CA ALA B 156 26.93 19.29 12.41
C ALA B 156 26.73 20.75 12.80
N GLN B 157 27.20 21.66 11.96
CA GLN B 157 27.31 23.07 12.37
C GLN B 157 26.02 23.81 12.73
N ARG B 158 24.90 23.45 12.11
CA ARG B 158 23.62 24.02 12.54
C ARG B 158 23.15 23.25 13.75
N PRO B 159 23.02 23.91 14.92
CA PRO B 159 22.58 23.16 16.09
C PRO B 159 21.22 22.50 15.82
N GLY B 160 21.06 21.30 16.36
CA GLY B 160 19.80 20.60 16.28
C GLY B 160 19.62 19.78 15.01
N THR B 161 20.72 19.51 14.32
CA THR B 161 20.71 18.70 13.10
C THR B 161 20.79 17.23 13.46
N MET B 162 19.93 16.40 12.86
CA MET B 162 20.08 14.97 13.00
C MET B 162 21.03 14.45 11.89
N ILE B 163 22.06 13.72 12.29
CA ILE B 163 23.03 13.13 11.36
C ILE B 163 22.99 11.61 11.45
N ILE B 164 22.72 10.93 10.33
CA ILE B 164 22.86 9.49 10.28
C ILE B 164 24.21 9.18 9.65
N THR B 165 25.02 8.35 10.31
CA THR B 165 26.36 8.06 9.81
C THR B 165 26.33 7.24 8.54
N GLU B 166 27.45 7.26 7.83
CA GLU B 166 27.68 6.29 6.76
C GLU B 166 27.44 4.89 7.33
N GLY B 167 27.00 3.98 6.47
CA GLY B 167 26.88 2.59 6.89
C GLY B 167 28.14 2.08 7.55
N ALA B 168 27.96 1.39 8.67
CA ALA B 168 29.09 0.84 9.43
C ALA B 168 28.87 -0.66 9.66
N PHE B 169 29.87 -1.45 9.34
CA PHE B 169 29.78 -2.91 9.47
C PHE B 169 29.69 -3.38 10.91
N ILE B 170 28.80 -4.33 11.19
CA ILE B 170 28.60 -4.81 12.54
C ILE B 170 29.61 -5.88 13.00
N SER B 171 30.35 -6.45 12.05
CA SER B 171 31.29 -7.53 12.30
C SER B 171 32.11 -7.70 11.04
N PRO B 172 33.24 -8.40 11.13
CA PRO B 172 33.99 -8.71 9.91
C PRO B 172 33.13 -9.48 8.89
N GLN B 173 32.34 -10.45 9.34
CA GLN B 173 31.56 -11.26 8.42
C GLN B 173 30.47 -10.43 7.72
N ALA B 174 30.08 -9.32 8.34
CA ALA B 174 29.06 -8.44 7.77
C ALA B 174 29.62 -7.51 6.71
N GLY B 175 30.95 -7.42 6.61
CA GLY B 175 31.58 -6.46 5.72
C GLY B 175 32.03 -6.99 4.38
N GLY B 176 33.18 -6.52 3.91
CA GLY B 176 33.69 -6.92 2.61
C GLY B 176 34.12 -5.78 1.72
N TYR B 177 34.01 -4.56 2.22
CA TYR B 177 34.64 -3.38 1.58
C TYR B 177 35.74 -2.90 2.53
N ASP B 178 36.97 -2.83 2.02
CA ASP B 178 38.10 -2.52 2.91
C ASP B 178 38.06 -1.11 3.50
N ASN B 179 37.47 -0.17 2.76
CA ASN B 179 37.51 1.22 3.20
C ASN B 179 36.21 1.81 3.72
N ALA B 180 35.29 0.93 4.15
CA ALA B 180 34.14 1.38 4.91
C ALA B 180 34.37 1.00 6.35
N PRO B 181 33.79 1.77 7.27
CA PRO B 181 34.14 1.57 8.68
C PRO B 181 33.31 0.50 9.35
N GLY B 182 33.80 -0.04 10.46
CA GLY B 182 33.01 -0.95 11.29
C GLY B 182 32.75 -0.38 12.67
N VAL B 183 31.87 -1.07 13.41
CA VAL B 183 31.59 -0.71 14.81
C VAL B 183 31.66 -1.93 15.75
N TRP B 184 32.62 -2.83 15.52
CA TRP B 184 32.72 -4.03 16.35
C TRP B 184 33.96 -4.05 17.23
N SER B 185 34.95 -3.23 16.91
CA SER B 185 36.23 -3.33 17.62
C SER B 185 36.53 -2.09 18.45
N GLU B 186 37.40 -2.29 19.44
CA GLU B 186 37.85 -1.22 20.31
C GLU B 186 38.51 -0.08 19.52
N GLU B 187 39.40 -0.42 18.59
CA GLU B 187 40.08 0.60 17.79
C GLU B 187 39.12 1.43 16.93
N GLN B 188 38.07 0.79 16.39
CA GLN B 188 37.07 1.57 15.66
C GLN B 188 36.32 2.48 16.62
N MET B 189 35.94 1.96 17.79
CA MET B 189 35.10 2.76 18.69
C MET B 189 35.84 3.98 19.27
N VAL B 190 37.16 3.89 19.38
CA VAL B 190 37.95 5.03 19.81
C VAL B 190 37.73 6.18 18.84
N GLU B 191 37.71 5.87 17.55
CA GLU B 191 37.51 6.92 16.55
C GLU B 191 36.06 7.40 16.50
N TRP B 192 35.11 6.48 16.55
CA TRP B 192 33.72 6.88 16.59
C TRP B 192 33.40 7.78 17.77
N THR B 193 34.02 7.50 18.91
CA THR B 193 33.78 8.31 20.10
C THR B 193 34.16 9.78 19.85
N LYS B 194 35.30 9.97 19.18
CA LYS B 194 35.74 11.31 18.81
C LYS B 194 34.76 11.99 17.90
N ILE B 195 34.21 11.23 16.92
CA ILE B 195 33.22 11.78 15.99
C ILE B 195 31.94 12.18 16.70
N PHE B 196 31.42 11.29 17.55
CA PHE B 196 30.21 11.59 18.30
C PHE B 196 30.38 12.76 19.26
N ASN B 197 31.54 12.85 19.92
CA ASN B 197 31.83 14.00 20.78
C ASN B 197 31.74 15.31 20.01
N ALA B 198 32.37 15.34 18.84
CA ALA B 198 32.37 16.56 18.03
C ALA B 198 30.96 16.96 17.61
N ILE B 199 30.16 16.00 17.16
CA ILE B 199 28.79 16.29 16.76
C ILE B 199 27.98 16.88 17.92
N HIS B 200 28.15 16.28 19.09
CA HIS B 200 27.51 16.77 20.29
C HIS B 200 28.03 18.13 20.73
N GLU B 201 29.31 18.39 20.53
CA GLU B 201 29.85 19.72 20.88
C GLU B 201 29.25 20.80 19.97
N LYS B 202 28.78 20.39 18.79
CA LYS B 202 28.08 21.33 17.91
C LYS B 202 26.57 21.34 18.16
N LYS B 203 26.14 20.63 19.20
CA LYS B 203 24.73 20.63 19.63
C LYS B 203 23.82 19.95 18.61
N SER B 204 24.38 18.98 17.90
CA SER B 204 23.64 18.17 16.95
C SER B 204 23.61 16.72 17.44
N PHE B 205 23.06 15.82 16.62
CA PHE B 205 22.77 14.47 17.08
C PHE B 205 23.26 13.48 16.06
N VAL B 206 23.55 12.26 16.51
CA VAL B 206 24.15 11.27 15.62
C VAL B 206 23.64 9.85 15.83
N TRP B 207 23.26 9.24 14.72
CA TRP B 207 22.68 7.90 14.68
C TRP B 207 23.54 7.01 13.79
N VAL B 208 23.96 5.85 14.27
CA VAL B 208 24.87 5.00 13.49
C VAL B 208 24.04 4.07 12.61
N GLN B 209 24.33 4.07 11.31
CA GLN B 209 23.65 3.12 10.42
C GLN B 209 24.38 1.79 10.46
N LEU B 210 23.67 0.73 10.83
CA LEU B 210 24.27 -0.58 11.01
C LEU B 210 24.08 -1.39 9.74
N TRP B 211 25.20 -1.83 9.18
CA TRP B 211 25.30 -2.32 7.80
C TRP B 211 25.77 -3.77 7.72
N VAL B 212 25.06 -4.58 6.93
CA VAL B 212 25.46 -5.96 6.61
C VAL B 212 25.30 -6.15 5.10
N LEU B 213 26.37 -6.54 4.41
CA LEU B 213 26.38 -6.51 2.94
C LEU B 213 25.66 -7.63 2.23
N GLY B 214 25.75 -8.85 2.76
CA GLY B 214 25.31 -10.01 1.98
C GLY B 214 25.95 -10.09 0.60
N TRP B 215 25.14 -10.28 -0.42
CA TRP B 215 25.68 -10.57 -1.73
C TRP B 215 26.38 -9.38 -2.41
N ALA B 216 26.31 -8.21 -1.80
CA ALA B 216 26.99 -7.05 -2.35
C ALA B 216 28.47 -6.98 -1.93
N ALA B 217 28.86 -7.81 -0.97
CA ALA B 217 30.26 -7.83 -0.53
C ALA B 217 31.13 -8.37 -1.66
N PHE B 218 32.42 -8.06 -1.61
CA PHE B 218 33.35 -8.60 -2.56
C PHE B 218 33.86 -9.97 -2.09
N PRO B 219 33.55 -11.05 -2.86
CA PRO B 219 33.90 -12.39 -2.39
C PRO B 219 35.40 -12.61 -2.20
N ASP B 220 36.25 -11.89 -2.93
CA ASP B 220 37.68 -12.11 -2.83
C ASP B 220 38.23 -11.51 -1.52
N ASN B 221 37.73 -10.32 -1.15
CA ASN B 221 38.07 -9.72 0.14
C ASN B 221 37.70 -10.63 1.31
N LEU B 222 36.53 -11.26 1.21
CA LEU B 222 36.04 -12.13 2.27
C LEU B 222 36.90 -13.40 2.34
N ALA B 223 37.22 -13.94 1.17
CA ALA B 223 38.05 -15.13 1.07
C ALA B 223 39.41 -14.88 1.69
N ARG B 224 39.96 -13.72 1.39
CA ARG B 224 41.25 -13.30 1.96
C ARG B 224 41.21 -13.33 3.48
N ASP B 225 40.05 -13.00 4.07
CA ASP B 225 39.94 -12.87 5.51
C ASP B 225 39.31 -14.09 6.18
N GLY B 226 39.11 -15.15 5.40
CA GLY B 226 38.58 -16.40 5.92
C GLY B 226 37.09 -16.35 6.19
N LEU B 227 36.40 -15.49 5.46
CA LEU B 227 34.97 -15.26 5.71
C LEU B 227 34.09 -15.82 4.58
N ARG B 228 32.84 -16.12 4.92
CA ARG B 228 31.85 -16.63 3.96
C ARG B 228 31.37 -15.50 3.07
N TYR B 229 30.79 -15.86 1.94
CA TYR B 229 30.06 -14.94 1.07
C TYR B 229 28.58 -15.27 1.22
N ASP B 230 27.86 -14.37 1.88
CA ASP B 230 26.54 -14.68 2.45
C ASP B 230 25.38 -14.06 1.67
N SER B 231 24.27 -14.79 1.62
CA SER B 231 23.00 -14.18 1.19
C SER B 231 21.85 -15.02 1.72
N ALA B 232 20.64 -14.71 1.27
CA ALA B 232 19.45 -15.47 1.66
C ALA B 232 19.46 -16.83 0.98
N SER B 233 19.87 -16.85 -0.28
CA SER B 233 19.81 -18.05 -1.13
C SER B 233 21.16 -18.40 -1.74
N ASP B 234 21.21 -19.52 -2.44
CA ASP B 234 22.48 -19.89 -3.07
C ASP B 234 22.35 -20.20 -4.55
N ASN B 235 21.20 -19.87 -5.13
CA ASN B 235 20.88 -20.23 -6.52
C ASN B 235 20.55 -19.04 -7.40
N VAL B 236 20.57 -17.84 -6.80
CA VAL B 236 20.42 -16.60 -7.54
CA VAL B 236 20.41 -16.58 -7.53
C VAL B 236 21.54 -15.66 -7.06
N PHE B 237 22.18 -14.96 -8.01
CA PHE B 237 23.36 -14.17 -7.71
C PHE B 237 23.14 -12.72 -8.09
N MET B 238 23.94 -11.82 -7.53
CA MET B 238 23.68 -10.39 -7.72
C MET B 238 23.91 -9.95 -9.16
N ASP B 239 25.07 -10.34 -9.71
CA ASP B 239 25.34 -10.05 -11.11
C ASP B 239 26.46 -10.95 -11.62
N ALA B 240 26.79 -10.79 -12.89
CA ALA B 240 27.81 -11.64 -13.47
C ALA B 240 29.20 -11.42 -12.89
N GLU B 241 29.57 -10.18 -12.59
CA GLU B 241 30.88 -9.91 -12.01
C GLU B 241 31.02 -10.56 -10.63
N GLN B 242 29.93 -10.57 -9.85
CA GLN B 242 29.98 -11.14 -8.51
C GLN B 242 30.04 -12.64 -8.61
N GLU B 243 29.33 -13.21 -9.58
CA GLU B 243 29.40 -14.64 -9.83
C GLU B 243 30.83 -15.04 -10.14
N ALA B 244 31.45 -14.28 -11.04
CA ALA B 244 32.81 -14.57 -11.52
C ALA B 244 33.79 -14.46 -10.37
N LYS B 245 33.58 -13.45 -9.54
CA LYS B 245 34.49 -13.17 -8.44
C LYS B 245 34.43 -14.27 -7.39
N ALA B 246 33.22 -14.72 -7.09
CA ALA B 246 33.01 -15.78 -6.12
C ALA B 246 33.62 -17.10 -6.60
N LYS B 247 33.49 -17.35 -7.90
CA LYS B 247 34.06 -18.56 -8.50
C LYS B 247 35.57 -18.50 -8.42
N LYS B 248 36.13 -17.37 -8.81
CA LYS B 248 37.59 -17.20 -8.81
C LYS B 248 38.19 -17.27 -7.39
N ALA B 249 37.48 -16.72 -6.41
CA ALA B 249 37.94 -16.73 -5.03
C ALA B 249 37.65 -18.03 -4.30
N ASN B 250 37.00 -18.96 -5.01
CA ASN B 250 36.56 -20.22 -4.43
C ASN B 250 35.70 -19.99 -3.19
N ASN B 251 34.88 -18.96 -3.26
CA ASN B 251 34.03 -18.57 -2.14
C ASN B 251 32.59 -18.43 -2.63
N PRO B 252 31.90 -19.56 -2.83
CA PRO B 252 30.56 -19.52 -3.43
C PRO B 252 29.52 -18.87 -2.52
N GLN B 253 28.52 -18.25 -3.14
CA GLN B 253 27.46 -17.64 -2.37
C GLN B 253 26.77 -18.67 -1.48
N HIS B 254 26.62 -18.30 -0.21
CA HIS B 254 26.17 -19.23 0.81
C HIS B 254 24.81 -18.83 1.39
N SER B 255 23.84 -19.73 1.33
CA SER B 255 22.51 -19.49 1.91
C SER B 255 22.64 -19.64 3.43
N LEU B 256 22.36 -18.58 4.15
CA LEU B 256 22.52 -18.59 5.62
C LEU B 256 21.70 -19.67 6.32
N THR B 257 22.31 -20.34 7.31
CA THR B 257 21.55 -21.24 8.18
C THR B 257 20.83 -20.42 9.25
N LYS B 258 19.84 -21.02 9.93
CA LYS B 258 19.17 -20.30 11.01
C LYS B 258 20.13 -19.91 12.14
N ASP B 259 21.14 -20.74 12.39
CA ASP B 259 22.12 -20.36 13.41
C ASP B 259 22.98 -19.19 12.97
N GLU B 260 23.32 -19.12 11.69
CA GLU B 260 24.09 -17.98 11.20
C GLU B 260 23.28 -16.70 11.23
N ILE B 261 21.97 -16.81 11.01
CA ILE B 261 21.09 -15.65 11.15
C ILE B 261 21.11 -15.17 12.60
N LYS B 262 21.04 -16.10 13.54
CA LYS B 262 21.06 -15.72 14.95
C LYS B 262 22.37 -15.05 15.34
N GLN B 263 23.46 -15.50 14.72
CA GLN B 263 24.75 -14.88 14.96
C GLN B 263 24.78 -13.44 14.45
N TYR B 264 24.21 -13.19 13.28
CA TYR B 264 24.09 -11.81 12.80
C TYR B 264 23.25 -10.98 13.76
N ILE B 265 22.17 -11.56 14.28
CA ILE B 265 21.34 -10.79 15.21
C ILE B 265 22.13 -10.42 16.47
N LYS B 266 22.93 -11.36 16.97
CA LYS B 266 23.82 -11.12 18.12
C LYS B 266 24.81 -9.98 17.83
N GLU B 267 25.34 -9.95 16.60
CA GLU B 267 26.24 -8.89 16.18
C GLU B 267 25.55 -7.54 16.01
N TYR B 268 24.30 -7.53 15.52
CA TYR B 268 23.55 -6.29 15.47
C TYR B 268 23.40 -5.71 16.89
N VAL B 269 23.08 -6.58 17.84
CA VAL B 269 22.84 -6.12 19.21
C VAL B 269 24.13 -5.55 19.78
N GLN B 270 25.23 -6.27 19.56
CA GLN B 270 26.51 -5.83 20.11
C GLN B 270 26.95 -4.53 19.46
N ALA B 271 26.78 -4.42 18.15
CA ALA B 271 27.13 -3.18 17.48
C ALA B 271 26.30 -1.99 17.94
N ALA B 272 25.02 -2.25 18.24
CA ALA B 272 24.14 -1.21 18.74
C ALA B 272 24.60 -0.79 20.11
N LYS B 273 24.85 -1.78 20.96
CA LYS B 273 25.39 -1.49 22.29
C LYS B 273 26.70 -0.71 22.24
N ASN B 274 27.62 -1.11 21.35
CA ASN B 274 28.89 -0.42 21.17
C ASN B 274 28.66 1.06 20.79
N SER B 275 27.72 1.29 19.87
CA SER B 275 27.40 2.63 19.40
C SER B 275 26.89 3.53 20.50
N ILE B 276 25.90 3.03 21.25
CA ILE B 276 25.34 3.78 22.36
C ILE B 276 26.43 4.02 23.43
N ALA B 277 27.24 3.00 23.72
CA ALA B 277 28.33 3.19 24.68
C ALA B 277 29.30 4.30 24.30
N ALA B 278 29.58 4.41 22.99
CA ALA B 278 30.54 5.40 22.49
C ALA B 278 29.92 6.77 22.44
N GLY B 279 28.61 6.84 22.64
CA GLY B 279 27.94 8.12 22.73
C GLY B 279 26.92 8.43 21.66
N ALA B 280 26.63 7.48 20.78
CA ALA B 280 25.61 7.74 19.75
C ALA B 280 24.21 7.93 20.36
N ASP B 281 23.36 8.69 19.68
CA ASP B 281 22.00 8.93 20.12
C ASP B 281 21.07 7.79 19.75
N GLY B 282 21.48 6.98 18.78
CA GLY B 282 20.65 5.85 18.38
C GLY B 282 21.28 5.20 17.18
N VAL B 283 20.61 4.20 16.62
CA VAL B 283 21.05 3.47 15.46
C VAL B 283 19.95 3.39 14.42
N GLU B 284 20.33 3.29 13.14
CA GLU B 284 19.41 2.97 12.05
C GLU B 284 19.77 1.61 11.45
N ILE B 285 18.78 0.73 11.31
CA ILE B 285 19.00 -0.57 10.72
C ILE B 285 18.93 -0.39 9.19
N HIS B 286 20.03 -0.67 8.50
CA HIS B 286 20.02 -0.61 7.03
C HIS B 286 19.32 -1.85 6.48
N SER B 287 18.05 -1.72 6.11
CA SER B 287 17.31 -2.82 5.46
C SER B 287 16.93 -2.43 4.01
N ALA B 288 17.74 -1.56 3.42
CA ALA B 288 17.50 -1.04 2.07
C ALA B 288 18.65 -1.33 1.13
N ASN B 289 18.46 -0.83 -0.11
CA ASN B 289 19.50 -0.75 -1.14
C ASN B 289 20.13 -2.09 -1.49
N GLY B 290 19.41 -3.18 -1.27
CA GLY B 290 19.85 -4.48 -1.74
C GLY B 290 20.92 -5.15 -0.92
N TYR B 291 21.09 -4.74 0.35
CA TYR B 291 22.06 -5.39 1.26
C TYR B 291 21.37 -6.56 1.95
N LEU B 292 22.00 -7.18 2.96
CA LEU B 292 21.53 -8.51 3.38
C LEU B 292 20.07 -8.55 3.81
N LEU B 293 19.63 -7.64 4.66
CA LEU B 293 18.22 -7.68 5.09
C LEU B 293 17.28 -7.49 3.90
N ASN B 294 17.61 -6.58 2.99
CA ASN B 294 16.82 -6.39 1.77
C ASN B 294 16.84 -7.65 0.89
N GLN B 295 17.99 -8.35 0.83
CA GLN B 295 18.02 -9.63 0.14
C GLN B 295 17.03 -10.68 0.70
N PHE B 296 16.75 -10.61 2.00
CA PHE B 296 15.70 -11.46 2.57
C PHE B 296 14.30 -10.97 2.24
N LEU B 297 14.12 -9.66 2.20
CA LEU B 297 12.79 -9.11 1.96
C LEU B 297 12.30 -9.35 0.55
N ASP B 298 13.23 -9.46 -0.39
CA ASP B 298 12.91 -9.41 -1.81
C ASP B 298 12.78 -10.81 -2.39
N PRO B 299 11.66 -11.10 -3.05
CA PRO B 299 11.47 -12.45 -3.59
C PRO B 299 12.44 -12.83 -4.72
N HIS B 300 13.10 -11.87 -5.34
CA HIS B 300 14.06 -12.21 -6.38
C HIS B 300 15.26 -12.89 -5.78
N SER B 301 15.74 -12.33 -4.68
CA SER B 301 16.96 -12.81 -4.03
C SER B 301 16.68 -13.88 -3.01
N ASN B 302 15.44 -13.95 -2.53
CA ASN B 302 15.11 -14.91 -1.49
C ASN B 302 14.23 -16.02 -2.05
N THR B 303 14.84 -17.19 -2.26
CA THR B 303 14.14 -18.34 -2.81
C THR B 303 14.02 -19.43 -1.74
N ARG B 304 14.21 -19.04 -0.48
CA ARG B 304 14.16 -19.96 0.67
C ARG B 304 12.79 -20.59 0.90
N THR B 305 12.80 -21.82 1.41
CA THR B 305 11.58 -22.54 1.69
C THR B 305 11.43 -22.82 3.19
N ASP B 306 12.27 -22.20 4.00
CA ASP B 306 12.13 -22.31 5.45
C ASP B 306 11.36 -21.10 6.03
N GLU B 307 11.40 -20.89 7.35
CA GLU B 307 10.62 -19.80 7.95
C GLU B 307 11.09 -18.40 7.55
N TYR B 308 12.21 -18.33 6.83
CA TYR B 308 12.74 -17.03 6.43
C TYR B 308 12.50 -16.71 4.96
N GLY B 309 11.69 -17.52 4.27
CA GLY B 309 11.34 -17.24 2.89
C GLY B 309 10.02 -17.89 2.51
N GLY B 310 9.51 -17.56 1.32
CA GLY B 310 8.36 -18.26 0.77
C GLY B 310 7.03 -17.60 1.00
N SER B 311 7.03 -16.48 1.72
CA SER B 311 5.80 -15.73 1.97
C SER B 311 6.21 -14.36 2.43
N ILE B 312 5.24 -13.43 2.46
CA ILE B 312 5.51 -12.06 2.89
C ILE B 312 6.01 -12.07 4.33
N GLU B 313 5.33 -12.78 5.21
CA GLU B 313 5.70 -12.77 6.62
C GLU B 313 7.07 -13.40 6.84
N ASN B 314 7.37 -14.44 6.06
CA ASN B 314 8.64 -15.11 6.20
C ASN B 314 9.78 -14.25 5.68
N ARG B 315 9.57 -13.56 4.57
CA ARG B 315 10.64 -12.72 4.01
C ARG B 315 10.98 -11.52 4.91
N ALA B 316 10.01 -11.08 5.72
CA ALA B 316 10.17 -9.95 6.62
C ALA B 316 10.71 -10.34 7.98
N ARG B 317 10.81 -11.65 8.22
CA ARG B 317 11.16 -12.16 9.54
C ARG B 317 12.54 -11.68 10.06
N PHE B 318 13.55 -11.75 9.23
CA PHE B 318 14.92 -11.37 9.65
C PHE B 318 14.93 -9.88 10.02
N THR B 319 14.36 -9.05 9.16
CA THR B 319 14.36 -7.62 9.44
C THR B 319 13.65 -7.33 10.75
N LEU B 320 12.51 -7.97 10.96
CA LEU B 320 11.74 -7.70 12.17
C LEU B 320 12.43 -8.30 13.41
N GLU B 321 13.14 -9.40 13.24
CA GLU B 321 13.91 -9.99 14.35
C GLU B 321 15.04 -9.05 14.77
N VAL B 322 15.68 -8.40 13.80
CA VAL B 322 16.68 -7.40 14.13
C VAL B 322 16.06 -6.21 14.87
N VAL B 323 14.96 -5.67 14.35
CA VAL B 323 14.26 -4.58 15.01
C VAL B 323 13.95 -4.95 16.45
N ASP B 324 13.36 -6.13 16.66
CA ASP B 324 12.93 -6.51 18.01
C ASP B 324 14.11 -6.72 18.94
N ALA B 325 15.19 -7.30 18.43
CA ALA B 325 16.41 -7.49 19.23
C ALA B 325 17.01 -6.17 19.64
N LEU B 326 17.04 -5.19 18.73
CA LEU B 326 17.59 -3.88 19.09
C LEU B 326 16.69 -3.11 20.03
N VAL B 327 15.38 -3.15 19.78
CA VAL B 327 14.43 -2.52 20.70
C VAL B 327 14.65 -3.05 22.10
N GLU B 328 14.82 -4.37 22.23
CA GLU B 328 15.01 -4.97 23.56
C GLU B 328 16.33 -4.52 24.18
N ALA B 329 17.38 -4.41 23.37
CA ALA B 329 18.74 -4.17 23.88
C ALA B 329 18.99 -2.73 24.27
N ILE B 330 18.55 -1.80 23.43
CA ILE B 330 18.82 -0.37 23.66
C ILE B 330 17.59 0.52 23.73
N GLY B 331 16.40 0.00 23.40
CA GLY B 331 15.20 0.79 23.57
C GLY B 331 14.64 1.28 22.26
N HIS B 332 13.31 1.26 22.14
CA HIS B 332 12.68 1.64 20.88
C HIS B 332 12.97 3.07 20.48
N GLU B 333 13.18 3.93 21.47
CA GLU B 333 13.45 5.34 21.16
C GLU B 333 14.85 5.57 20.57
N LYS B 334 15.67 4.54 20.53
CA LYS B 334 17.02 4.64 19.97
C LYS B 334 17.19 3.83 18.70
N VAL B 335 16.07 3.45 18.06
CA VAL B 335 16.11 2.58 16.88
C VAL B 335 15.25 3.13 15.75
N GLY B 336 15.85 3.22 14.55
CA GLY B 336 15.11 3.53 13.33
C GLY B 336 15.37 2.46 12.26
N LEU B 337 14.57 2.45 11.19
CA LEU B 337 14.69 1.42 10.14
C LEU B 337 14.64 2.08 8.77
N ARG B 338 15.58 1.70 7.90
CA ARG B 338 15.61 2.26 6.55
C ARG B 338 15.20 1.24 5.50
N LEU B 339 14.33 1.69 4.59
CA LEU B 339 13.75 0.81 3.57
C LEU B 339 13.75 1.51 2.23
N SER B 340 13.80 0.74 1.14
CA SER B 340 13.77 1.30 -0.22
C SER B 340 12.81 0.47 -1.09
N PRO B 341 11.48 0.66 -0.90
CA PRO B 341 10.53 -0.25 -1.52
C PRO B 341 10.68 -0.38 -3.05
N TYR B 342 10.97 0.72 -3.72
CA TYR B 342 11.05 0.70 -5.18
C TYR B 342 12.48 0.56 -5.72
N GLY B 343 13.44 0.32 -4.83
CA GLY B 343 14.83 0.24 -5.27
C GLY B 343 15.13 -0.95 -6.14
N VAL B 344 15.98 -0.72 -7.15
CA VAL B 344 16.46 -1.80 -8.00
C VAL B 344 17.96 -1.98 -7.89
N PHE B 345 18.61 -1.08 -7.14
CA PHE B 345 20.05 -1.13 -6.93
C PHE B 345 20.44 -2.44 -6.26
N ASN B 346 21.57 -3.02 -6.67
CA ASN B 346 22.03 -4.30 -6.12
C ASN B 346 21.07 -5.46 -6.38
N SER B 347 20.39 -5.37 -7.52
CA SER B 347 19.55 -6.44 -8.03
C SER B 347 18.31 -6.74 -7.19
N MET B 348 17.73 -5.69 -6.62
CA MET B 348 16.41 -5.84 -6.01
C MET B 348 15.30 -5.70 -7.07
N SER B 349 14.09 -6.09 -6.71
CA SER B 349 13.01 -6.19 -7.72
C SER B 349 12.37 -4.85 -8.08
N GLY B 350 12.16 -4.02 -7.06
CA GLY B 350 11.42 -2.78 -7.24
C GLY B 350 10.00 -3.03 -7.70
N GLY B 351 9.42 -2.03 -8.37
CA GLY B 351 8.01 -2.08 -8.74
C GLY B 351 7.63 -3.15 -9.75
N ALA B 352 8.58 -3.66 -10.52
CA ALA B 352 8.30 -4.74 -11.44
C ALA B 352 7.78 -5.99 -10.72
N GLU B 353 8.11 -6.13 -9.44
CA GLU B 353 7.53 -7.20 -8.61
C GLU B 353 6.16 -6.76 -8.11
N THR B 354 5.12 -7.42 -8.63
CA THR B 354 3.72 -7.04 -8.33
C THR B 354 3.44 -7.12 -6.82
N GLY B 355 4.18 -7.96 -6.10
CA GLY B 355 4.01 -8.07 -4.66
C GLY B 355 4.85 -7.17 -3.77
N ILE B 356 5.58 -6.26 -4.38
CA ILE B 356 6.52 -5.43 -3.61
C ILE B 356 5.84 -4.49 -2.61
N VAL B 357 4.73 -3.85 -3.01
CA VAL B 357 4.05 -2.95 -2.08
C VAL B 357 3.52 -3.74 -0.88
N ALA B 358 2.96 -4.92 -1.14
CA ALA B 358 2.48 -5.75 -0.03
C ALA B 358 3.59 -6.13 0.95
N GLN B 359 4.77 -6.46 0.43
CA GLN B 359 5.89 -6.83 1.28
C GLN B 359 6.26 -5.71 2.24
N TYR B 360 6.34 -4.48 1.72
CA TYR B 360 6.76 -3.34 2.53
C TYR B 360 5.64 -2.83 3.40
N ALA B 361 4.40 -2.96 2.90
CA ALA B 361 3.24 -2.62 3.72
C ALA B 361 3.14 -3.54 4.94
N TYR B 362 3.51 -4.80 4.75
CA TYR B 362 3.53 -5.72 5.88
C TYR B 362 4.53 -5.26 6.95
N VAL B 363 5.75 -4.91 6.53
CA VAL B 363 6.72 -4.39 7.48
C VAL B 363 6.24 -3.14 8.21
N ALA B 364 5.71 -2.17 7.48
CA ALA B 364 5.17 -0.98 8.14
C ALA B 364 4.07 -1.31 9.14
N GLY B 365 3.19 -2.24 8.77
CA GLY B 365 2.12 -2.65 9.66
C GLY B 365 2.64 -3.27 10.94
N GLU B 366 3.66 -4.12 10.81
CA GLU B 366 4.26 -4.72 11.99
C GLU B 366 4.92 -3.70 12.90
N LEU B 367 5.49 -2.65 12.31
CA LEU B 367 6.05 -1.56 13.13
C LEU B 367 4.95 -0.79 13.84
N GLU B 368 3.83 -0.58 13.17
CA GLU B 368 2.76 0.20 13.79
C GLU B 368 2.08 -0.61 14.89
N LYS B 369 1.96 -1.92 14.66
CA LYS B 369 1.45 -2.82 15.70
C LYS B 369 2.28 -2.74 16.96
N ARG B 370 3.59 -2.74 16.80
CA ARG B 370 4.47 -2.63 17.96
C ARG B 370 4.33 -1.27 18.64
N ALA B 371 4.14 -0.24 17.85
CA ALA B 371 3.98 1.11 18.34
C ALA B 371 2.70 1.28 19.16
N LYS B 372 1.61 0.73 18.65
CA LYS B 372 0.33 0.81 19.37
C LYS B 372 0.41 0.07 20.71
N ALA B 373 1.28 -0.93 20.78
CA ALA B 373 1.44 -1.70 22.01
C ALA B 373 2.48 -1.09 22.96
N GLY B 374 3.02 0.07 22.60
CA GLY B 374 3.91 0.79 23.49
C GLY B 374 5.38 0.92 23.11
N LYS B 375 5.77 0.39 21.96
CA LYS B 375 7.18 0.44 21.55
C LYS B 375 7.33 0.96 20.11
N ARG B 376 7.11 2.26 19.93
CA ARG B 376 7.20 2.90 18.63
C ARG B 376 8.66 3.21 18.27
N LEU B 377 9.12 2.70 17.12
CA LEU B 377 10.46 3.10 16.65
C LEU B 377 10.59 4.62 16.51
N ALA B 378 11.81 5.10 16.60
CA ALA B 378 12.02 6.54 16.50
C ALA B 378 11.59 7.09 15.14
N PHE B 379 11.83 6.31 14.08
CA PHE B 379 11.45 6.74 12.74
C PHE B 379 11.51 5.60 11.74
N VAL B 380 10.82 5.76 10.61
CA VAL B 380 11.05 5.00 9.41
C VAL B 380 11.69 5.93 8.38
N HIS B 381 12.76 5.47 7.73
CA HIS B 381 13.47 6.27 6.75
C HIS B 381 13.26 5.64 5.37
N LEU B 382 12.67 6.38 4.43
CA LEU B 382 12.36 5.84 3.12
C LEU B 382 13.23 6.44 2.02
N VAL B 383 13.82 5.57 1.21
CA VAL B 383 14.45 5.99 -0.02
C VAL B 383 13.34 6.21 -1.06
N GLU B 384 13.28 7.42 -1.63
CA GLU B 384 12.26 7.76 -2.60
C GLU B 384 12.72 7.37 -3.97
N PRO B 385 11.78 6.89 -4.80
CA PRO B 385 12.22 6.55 -6.17
C PRO B 385 12.37 7.76 -7.08
N ARG B 386 13.08 8.78 -6.62
CA ARG B 386 13.29 10.03 -7.36
C ARG B 386 14.70 10.11 -7.96
N1 FMN C . -22.40 -2.05 -2.52
C2 FMN C . -22.23 -3.33 -2.98
O2 FMN C . -21.12 -3.78 -3.22
N3 FMN C . -23.33 -4.13 -3.21
C4 FMN C . -24.59 -3.69 -2.95
O4 FMN C . -25.56 -4.46 -3.17
C4A FMN C . -24.77 -2.40 -2.48
N5 FMN C . -26.01 -1.92 -2.15
C5A FMN C . -26.19 -0.60 -1.75
C6 FMN C . -27.48 -0.13 -1.48
C7 FMN C . -27.65 1.17 -1.05
C7M FMN C . -29.04 1.68 -0.77
C8 FMN C . -26.55 1.98 -0.89
C8M FMN C . -26.76 3.40 -0.42
C9 FMN C . -25.26 1.53 -1.16
C9A FMN C . -25.08 0.21 -1.57
N10 FMN C . -23.81 -0.28 -1.82
C10 FMN C . -23.67 -1.58 -2.27
C1' FMN C . -22.59 0.57 -1.73
C2' FMN C . -22.60 1.32 -3.10
O2' FMN C . -22.28 0.47 -4.20
C3' FMN C . -21.63 2.51 -3.25
O3' FMN C . -20.32 2.13 -2.87
C4' FMN C . -22.06 3.75 -2.46
O4' FMN C . -23.42 4.03 -2.72
C5' FMN C . -21.16 4.92 -2.90
O5' FMN C . -21.37 6.09 -2.13
P FMN C . -22.41 7.22 -2.63
O1P FMN C . -23.79 6.73 -2.25
O2P FMN C . -22.25 7.48 -4.08
O3P FMN C . -22.02 8.45 -1.82
N1 EPE D . -27.72 -4.05 1.91
C2 EPE D . -27.40 -4.99 2.99
C3 EPE D . -28.65 -5.75 3.44
N4 EPE D . -29.77 -4.87 3.75
C5 EPE D . -29.96 -3.77 2.83
C6 EPE D . -28.66 -3.06 2.46
C7 EPE D . -31.02 -5.54 4.13
C8 EPE D . -30.84 -6.67 5.14
O8 EPE D . -30.47 -6.11 6.38
C9 EPE D . -26.47 -3.34 1.64
C10 EPE D . -25.59 -4.17 0.72
S EPE D . -23.90 -3.57 0.95
O1S EPE D . -23.92 -2.14 0.69
O2S EPE D . -23.52 -3.88 2.32
O3S EPE D . -23.04 -4.27 -0.01
C1 EDO E . -21.00 0.13 3.77
O1 EDO E . -21.73 1.37 3.91
C2 EDO E . -21.84 -0.83 2.92
O2 EDO E . -22.24 -0.20 1.69
C1 EDO F . -39.04 10.97 -4.48
O1 EDO F . -39.36 9.62 -4.11
C2 EDO F . -39.65 11.22 -5.85
O2 EDO F . -41.01 10.76 -5.83
C1 EDO G . 3.92 -11.18 -13.51
O1 EDO G . 3.09 -11.95 -14.38
C2 EDO G . 5.24 -10.95 -14.22
O2 EDO G . 4.93 -10.61 -15.58
C1 EDO H . -35.50 -9.21 4.02
O1 EDO H . -35.45 -9.67 2.67
C2 EDO H . -34.57 -10.00 4.86
O2 EDO H . -35.15 -11.26 4.82
C1 EDO I . -10.75 -21.56 13.58
O1 EDO I . -10.93 -20.95 14.86
C2 EDO I . -11.91 -21.18 12.67
O2 EDO I . -13.15 -21.70 13.22
C1 EDO J . -23.32 -18.17 18.06
O1 EDO J . -24.67 -18.19 18.57
C2 EDO J . -23.14 -19.20 16.95
O2 EDO J . -23.53 -18.62 15.71
C1 EDO K . -35.93 -7.41 7.88
O1 EDO K . -37.11 -6.61 8.08
C2 EDO K . -35.28 -6.96 6.58
O2 EDO K . -33.88 -6.77 6.78
C1 EDO L . -11.32 3.53 -26.81
O1 EDO L . -12.68 3.16 -26.55
C2 EDO L . -11.00 4.84 -26.10
O2 EDO L . -12.22 5.52 -25.83
C1 EDO M . -0.05 -18.79 -1.91
O1 EDO M . -0.14 -20.03 -1.21
C2 EDO M . -0.23 -19.04 -3.41
O2 EDO M . -1.49 -19.69 -3.67
N1 FMN N . 22.24 5.16 1.78
C2 FMN N . 22.36 4.26 2.82
O2 FMN N . 21.34 3.76 3.32
N3 FMN N . 23.61 3.98 3.34
C4 FMN N . 24.76 4.52 2.82
O4 FMN N . 25.87 4.24 3.35
C4A FMN N . 24.64 5.41 1.74
N5 FMN N . 25.75 5.96 1.16
C5A FMN N . 25.62 6.87 0.14
C6 FMN N . 26.78 7.43 -0.38
C7 FMN N . 26.69 8.35 -1.43
C7M FMN N . 27.95 8.94 -1.99
C8 FMN N . 25.44 8.69 -1.93
C8M FMN N . 25.35 9.69 -3.05
C9 FMN N . 24.28 8.13 -1.40
C9A FMN N . 24.37 7.21 -0.35
N10 FMN N . 23.24 6.61 0.19
C10 FMN N . 23.38 5.74 1.23
C1' FMN N . 21.87 7.01 -0.25
C2' FMN N . 21.59 8.32 0.55
O2' FMN N . 21.48 8.10 1.96
C3' FMN N . 20.38 9.13 0.18
O3' FMN N . 19.21 8.33 0.13
C4' FMN N . 20.53 9.87 -1.16
O4' FMN N . 21.78 10.55 -1.15
C5' FMN N . 19.35 10.82 -1.33
O5' FMN N . 19.37 11.40 -2.62
P FMN N . 19.97 12.89 -2.79
O1P FMN N . 19.64 13.79 -1.66
O2P FMN N . 19.41 13.41 -4.09
O3P FMN N . 21.47 12.64 -2.89
N1 EPE O . 28.16 2.44 -1.41
C2 EPE O . 28.24 1.04 -1.87
C3 EPE O . 29.69 0.59 -1.89
N4 EPE O . 30.55 1.50 -2.61
C5 EPE O . 30.35 2.91 -2.33
C6 EPE O . 28.89 3.30 -2.36
C7 EPE O . 31.93 1.10 -2.81
C8 EPE O . 32.05 -0.38 -3.14
O8 EPE O . 31.63 -0.61 -4.46
C9 EPE O . 26.75 2.89 -1.47
C10 EPE O . 26.04 2.50 -0.17
S EPE O . 24.28 2.50 -0.55
O1S EPE O . 23.91 3.81 -1.05
O2S EPE O . 24.08 1.46 -1.55
O3S EPE O . 23.55 2.20 0.71
C1 EDO P . 37.20 -0.66 -0.60
O1 EDO P . 36.71 -0.71 0.72
C2 EDO P . 36.82 -1.89 -1.37
O2 EDO P . 37.20 -3.10 -0.76
C1 EDO Q . 20.72 3.54 -4.68
O1 EDO Q . 21.15 4.62 -5.51
C2 EDO Q . 21.78 3.31 -3.60
O2 EDO Q . 21.86 4.43 -2.70
C1 EDO R . 3.74 -7.05 18.02
O1 EDO R . 2.99 -6.34 19.00
C2 EDO R . 5.09 -7.46 18.57
O2 EDO R . 5.08 -7.27 20.00
C1 EDO S . 25.05 31.85 12.93
O1 EDO S . 24.70 33.08 12.28
C2 EDO S . 25.95 31.07 11.98
O2 EDO S . 27.22 31.75 11.96
C1 EDO T . 36.33 -4.50 -14.83
O1 EDO T . 36.32 -3.07 -14.85
C2 EDO T . 37.01 -5.01 -16.08
O2 EDO T . 38.44 -4.88 -15.97
C1 EDO U . 39.77 -0.72 -6.62
O1 EDO U . 41.16 -0.57 -6.29
C2 EDO U . 39.62 -1.88 -7.61
O2 EDO U . 40.92 -2.18 -8.12
C1 EDO V . 3.64 28.85 6.07
O1 EDO V . 4.06 27.82 5.16
C2 EDO V . 2.31 28.48 6.73
O2 EDO V . 2.28 28.99 8.08
C1 EDO W . 42.28 31.49 -0.99
O1 EDO W . 41.59 30.79 0.07
C2 EDO W . 42.89 30.53 -2.01
O2 EDO W . 41.91 29.61 -2.48
C1 EDO X . 46.63 -1.23 12.80
O1 EDO X . 45.41 -1.21 13.54
C2 EDO X . 47.76 -0.66 13.66
O2 EDO X . 48.99 -0.71 12.93
C1 EDO Y . 8.16 20.39 27.40
O1 EDO Y . 8.36 21.11 28.63
C2 EDO Y . 9.49 20.27 26.69
O2 EDO Y . 10.46 19.65 27.54
C1 EDO Z . 14.56 15.50 24.93
O1 EDO Z . 13.17 15.65 25.24
C2 EDO Z . 15.20 14.49 25.90
O2 EDO Z . 14.45 13.27 25.88
#